data_4KEM
#
_entry.id   4KEM
#
_cell.length_a   50.167
_cell.length_b   82.925
_cell.length_c   103.266
_cell.angle_alpha   90.000
_cell.angle_beta   100.860
_cell.angle_gamma   90.000
#
_symmetry.space_group_name_H-M   'P 1 21 1'
#
loop_
_entity.id
_entity.type
_entity.pdbx_description
1 polymer 'Mandelate racemase/muconate lactonizing enzyme'
2 non-polymer 'MAGNESIUM ION'
3 non-polymer 'CHLORIDE ION'
4 non-polymer 'ACRYLIC ACID'
5 water water
#
_entity_poly.entity_id   1
_entity_poly.type   'polypeptide(L)'
_entity_poly.pdbx_seq_one_letter_code
;MRIVEIREQTAGIKSDIANAFIDFSQMTCSVVAVVTDVVRDGKPVIGYGFNSNGRYAAGGLLRERFIPRLMSAAPDSLLD
ETGENLDPFRIWTRLMTNEKPGGHGERSVAVGTIDMAVWDAVAKIAGVPLYRLLADRFRGGVADDGVWVYAAGGYYYPGK
DVKALQDEMRSYRDRGYRVVKMKIGGAPLAEDLRRIDAVLEVVGSGDNLCVDANGRFDIDTAIAYGEALKPYGLFWYEEA
GDPLDYALQAELAKHYDRPMATGENLFSHQDARNLIRHGGMRPDRDWLQFDCALSYGLVEYLRTLDMLKENGWSSRRVVP
HGGHQMSLNIAAGLHLGGNESYPDVFKPFCGFADGIAVEDGRVRLPDLPGVGFEAKSELFATMSGLLGTR
;
_entity_poly.pdbx_strand_id   A,B
#
# COMPACT_ATOMS: atom_id res chain seq x y z
N MET A 1 -4.15 -22.05 27.24
CA MET A 1 -2.96 -21.40 26.63
C MET A 1 -3.37 -20.12 25.93
N ARG A 2 -2.39 -19.26 25.69
CA ARG A 2 -2.65 -17.98 25.05
C ARG A 2 -1.37 -17.26 24.67
N ILE A 3 -1.53 -16.23 23.87
CA ILE A 3 -0.50 -15.23 23.64
C ILE A 3 -0.47 -14.30 24.83
N VAL A 4 0.67 -14.27 25.53
CA VAL A 4 0.84 -13.45 26.72
C VAL A 4 1.23 -12.02 26.35
N GLU A 5 2.10 -11.87 25.35
CA GLU A 5 2.49 -10.56 24.87
C GLU A 5 3.05 -10.67 23.46
N ILE A 6 3.04 -9.54 22.76
CA ILE A 6 3.67 -9.44 21.46
C ILE A 6 4.60 -8.24 21.50
N ARG A 7 5.88 -8.48 21.20
CA ARG A 7 6.90 -7.44 21.23
C ARG A 7 7.36 -7.14 19.83
N GLU A 8 7.79 -5.90 19.60
CA GLU A 8 8.41 -5.51 18.34
C GLU A 8 9.60 -4.60 18.58
N GLN A 9 10.55 -4.67 17.67
CA GLN A 9 11.67 -3.75 17.64
C GLN A 9 12.13 -3.56 16.21
N THR A 10 12.81 -2.45 15.95
CA THR A 10 13.39 -2.18 14.65
C THR A 10 14.87 -2.51 14.63
N ALA A 11 15.27 -3.18 13.55
CA ALA A 11 16.67 -3.52 13.27
C ALA A 11 17.17 -2.74 12.05
N GLY A 12 18.45 -2.38 12.06
CA GLY A 12 19.08 -1.78 10.89
C GLY A 12 19.72 -2.84 9.99
N ILE A 13 19.50 -2.71 8.69
CA ILE A 13 20.22 -3.47 7.66
C ILE A 13 20.72 -2.48 6.61
N LYS A 14 21.40 -1.46 7.10
CA LYS A 14 21.82 -0.32 6.29
C LYS A 14 23.15 -0.59 5.60
N SER A 15 23.25 -0.20 4.33
CA SER A 15 24.53 -0.19 3.64
C SER A 15 24.36 0.60 2.34
N ASP A 16 25.48 0.86 1.67
CA ASP A 16 25.46 1.67 0.46
C ASP A 16 25.28 0.83 -0.81
N ILE A 17 24.91 -0.45 -0.68
CA ILE A 17 24.53 -1.18 -1.87
C ILE A 17 23.32 -0.50 -2.54
N ALA A 18 23.20 -0.68 -3.85
CA ALA A 18 22.14 -0.03 -4.62
C ALA A 18 21.69 -0.93 -5.76
N ASN A 19 20.41 -0.85 -6.06
CA ASN A 19 19.87 -1.43 -7.27
C ASN A 19 19.43 -0.28 -8.19
N ALA A 20 18.73 -0.57 -9.29
CA ALA A 20 18.35 0.48 -10.23
C ALA A 20 17.40 1.50 -9.68
N PHE A 21 16.67 1.17 -8.61
CA PHE A 21 15.63 2.04 -8.07
C PHE A 21 16.00 2.79 -6.79
N ILE A 22 16.66 2.11 -5.86
CA ILE A 22 17.00 2.66 -4.53
C ILE A 22 18.41 2.26 -4.08
N ASP A 23 18.93 2.95 -3.07
CA ASP A 23 20.07 2.44 -2.30
C ASP A 23 19.56 2.06 -0.91
N PHE A 24 20.37 1.32 -0.16
CA PHE A 24 19.92 0.71 1.09
C PHE A 24 20.51 1.43 2.32
N SER A 25 20.89 2.69 2.12
CA SER A 25 21.59 3.43 3.18
C SER A 25 20.74 3.69 4.42
N GLN A 26 19.42 3.59 4.32
CA GLN A 26 18.58 3.71 5.51
C GLN A 26 17.68 2.51 5.74
N MET A 27 18.03 1.38 5.15
CA MET A 27 17.14 0.24 5.23
C MET A 27 17.08 -0.36 6.63
N THR A 28 15.86 -0.68 7.04
CA THR A 28 15.55 -1.25 8.34
C THR A 28 14.58 -2.43 8.14
N CYS A 29 14.33 -3.18 9.21
CA CYS A 29 13.26 -4.17 9.21
C CYS A 29 12.72 -4.31 10.61
N SER A 30 11.49 -4.80 10.71
CA SER A 30 10.88 -5.13 11.99
C SER A 30 11.21 -6.55 12.41
N VAL A 31 11.36 -6.74 13.72
CA VAL A 31 11.41 -8.07 14.32
C VAL A 31 10.28 -8.14 15.37
N VAL A 32 9.66 -9.31 15.48
CA VAL A 32 8.52 -9.51 16.37
C VAL A 32 8.71 -10.80 17.16
N ALA A 33 8.32 -10.77 18.44
CA ALA A 33 8.20 -11.98 19.27
C ALA A 33 6.76 -12.14 19.71
N VAL A 34 6.18 -13.31 19.46
CA VAL A 34 4.87 -13.65 19.98
C VAL A 34 5.12 -14.61 21.15
N VAL A 35 4.98 -14.09 22.37
CA VAL A 35 5.28 -14.83 23.58
C VAL A 35 4.04 -15.56 24.06
N THR A 36 4.13 -16.89 24.15
CA THR A 36 3.01 -17.69 24.63
C THR A 36 3.29 -18.19 26.04
N ASP A 37 2.31 -18.86 26.62
CA ASP A 37 2.49 -19.48 27.92
C ASP A 37 2.62 -21.01 27.84
N VAL A 38 2.94 -21.50 26.65
CA VAL A 38 3.17 -22.91 26.43
C VAL A 38 4.63 -23.26 26.72
N VAL A 39 4.84 -24.39 27.38
CA VAL A 39 6.19 -24.84 27.68
C VAL A 39 6.60 -25.98 26.76
N ARG A 40 7.74 -25.81 26.09
CA ARG A 40 8.33 -26.85 25.27
C ARG A 40 9.81 -26.92 25.60
N ASP A 41 10.26 -28.12 25.97
CA ASP A 41 11.66 -28.33 26.31
C ASP A 41 12.14 -27.39 27.42
N GLY A 42 11.28 -27.16 28.41
CA GLY A 42 11.66 -26.43 29.60
C GLY A 42 11.61 -24.91 29.54
N LYS A 43 11.18 -24.36 28.41
CA LYS A 43 11.09 -22.90 28.27
C LYS A 43 9.80 -22.48 27.56
N PRO A 44 9.44 -21.20 27.70
CA PRO A 44 8.29 -20.66 26.98
C PRO A 44 8.46 -20.79 25.47
N VAL A 45 7.38 -21.15 24.79
CA VAL A 45 7.36 -21.10 23.34
C VAL A 45 7.19 -19.64 22.93
N ILE A 46 8.16 -19.14 22.18
CA ILE A 46 8.08 -17.80 21.62
C ILE A 46 8.24 -17.90 20.11
N GLY A 47 7.27 -17.39 19.37
CA GLY A 47 7.39 -17.31 17.92
C GLY A 47 8.08 -16.04 17.50
N TYR A 48 8.88 -16.13 16.43
CA TYR A 48 9.67 -14.99 15.93
C TYR A 48 9.33 -14.69 14.49
N GLY A 49 9.45 -13.40 14.13
CA GLY A 49 9.23 -12.98 12.76
C GLY A 49 10.07 -11.77 12.40
N PHE A 50 10.38 -11.61 11.13
CA PHE A 50 10.99 -10.37 10.64
C PHE A 50 10.51 -10.15 9.21
N ASN A 51 10.56 -8.90 8.73
CA ASN A 51 10.19 -8.67 7.33
C ASN A 51 11.42 -8.52 6.43
N SER A 52 11.22 -8.88 5.17
CA SER A 52 12.28 -8.88 4.18
C SER A 52 12.80 -7.47 3.91
N ASN A 53 13.98 -7.42 3.34
CA ASN A 53 14.62 -6.20 2.89
C ASN A 53 13.77 -5.47 1.87
N GLY A 54 13.90 -4.14 1.88
CA GLY A 54 13.47 -3.31 0.78
C GLY A 54 12.30 -2.42 1.09
N ARG A 55 11.45 -2.84 2.04
CA ARG A 55 10.25 -2.10 2.35
C ARG A 55 10.32 -1.32 3.67
N TYR A 56 11.43 -1.48 4.40
CA TYR A 56 11.66 -0.85 5.71
C TYR A 56 10.82 -1.51 6.80
N ALA A 57 11.12 -1.13 8.04
CA ALA A 57 10.38 -1.62 9.20
C ALA A 57 8.99 -0.99 9.26
N ALA A 58 8.10 -1.62 10.00
CA ALA A 58 6.74 -1.13 10.20
C ALA A 58 6.37 -1.09 11.69
N GLY A 59 7.30 -0.60 12.51
CA GLY A 59 7.11 -0.49 13.94
C GLY A 59 5.92 0.35 14.35
N GLY A 60 5.73 1.50 13.73
CA GLY A 60 4.58 2.35 14.03
C GLY A 60 3.26 1.62 13.87
N LEU A 61 3.09 1.02 12.70
CA LEU A 61 1.89 0.25 12.42
C LEU A 61 1.69 -0.90 13.42
N LEU A 62 2.77 -1.63 13.70
CA LEU A 62 2.69 -2.74 14.66
C LEU A 62 2.21 -2.23 16.01
N ARG A 63 2.80 -1.14 16.52
CA ARG A 63 2.48 -0.65 17.85
C ARG A 63 1.14 0.05 17.94
N GLU A 64 0.76 0.78 16.90
CA GLU A 64 -0.39 1.66 16.98
C GLU A 64 -1.70 1.01 16.54
N ARG A 65 -1.62 0.07 15.61
CA ARG A 65 -2.81 -0.60 15.10
C ARG A 65 -2.87 -2.09 15.42
N PHE A 66 -1.85 -2.83 15.01
CA PHE A 66 -1.99 -4.29 14.93
C PHE A 66 -1.81 -5.04 16.25
N ILE A 67 -0.75 -4.75 17.00
CA ILE A 67 -0.54 -5.43 18.27
C ILE A 67 -1.69 -5.14 19.25
N PRO A 68 -2.12 -3.87 19.36
CA PRO A 68 -3.25 -3.66 20.30
C PRO A 68 -4.53 -4.41 19.96
N ARG A 69 -4.81 -4.62 18.67
CA ARG A 69 -5.94 -5.42 18.27
C ARG A 69 -5.90 -6.84 18.78
N LEU A 70 -4.78 -7.51 18.60
CA LEU A 70 -4.67 -8.88 19.07
C LEU A 70 -4.74 -8.95 20.56
N MET A 71 -4.06 -8.01 21.21
CA MET A 71 -3.93 -8.09 22.64
C MET A 71 -5.21 -7.71 23.37
N SER A 72 -6.13 -7.07 22.67
CA SER A 72 -7.44 -6.75 23.25
C SER A 72 -8.47 -7.86 23.00
N ALA A 73 -8.13 -8.84 22.18
CA ALA A 73 -9.05 -9.95 21.89
C ALA A 73 -9.16 -10.89 23.08
N ALA A 74 -10.33 -11.50 23.25
CA ALA A 74 -10.47 -12.59 24.20
C ALA A 74 -9.46 -13.69 23.84
N PRO A 75 -8.62 -14.10 24.80
CA PRO A 75 -7.57 -15.06 24.49
C PRO A 75 -8.07 -16.33 23.83
N ASP A 76 -9.20 -16.88 24.30
CA ASP A 76 -9.72 -18.11 23.72
C ASP A 76 -10.08 -17.94 22.23
N SER A 77 -10.31 -16.70 21.79
CA SER A 77 -10.76 -16.46 20.42
C SER A 77 -9.63 -16.59 19.39
N LEU A 78 -8.42 -16.77 19.87
CA LEU A 78 -7.25 -16.86 19.00
C LEU A 78 -6.76 -18.32 18.86
N LEU A 79 -7.44 -19.26 19.52
CA LEU A 79 -7.03 -20.66 19.56
C LEU A 79 -7.75 -21.46 18.47
N ASP A 80 -7.15 -22.57 18.05
CA ASP A 80 -7.81 -23.45 17.07
C ASP A 80 -8.83 -24.35 17.79
N GLU A 81 -9.51 -25.20 17.03
CA GLU A 81 -10.57 -26.06 17.56
C GLU A 81 -10.16 -26.95 18.74
N THR A 82 -8.87 -27.27 18.85
CA THR A 82 -8.40 -28.20 19.88
C THR A 82 -8.22 -27.49 21.22
N GLY A 83 -8.10 -26.16 21.17
CA GLY A 83 -7.86 -25.39 22.37
C GLY A 83 -6.42 -25.43 22.86
N GLU A 84 -5.55 -26.12 22.13
CA GLU A 84 -4.15 -26.25 22.55
C GLU A 84 -3.13 -25.83 21.49
N ASN A 85 -3.57 -25.08 20.49
CA ASN A 85 -2.65 -24.38 19.61
C ASN A 85 -3.34 -23.12 19.10
N LEU A 86 -2.54 -22.20 18.59
CA LEU A 86 -3.04 -20.94 18.04
C LEU A 86 -3.65 -21.21 16.68
N ASP A 87 -4.59 -20.35 16.28
CA ASP A 87 -5.22 -20.42 14.96
C ASP A 87 -4.77 -19.20 14.16
N PRO A 88 -3.83 -19.38 13.23
CA PRO A 88 -3.37 -18.22 12.45
C PRO A 88 -4.49 -17.53 11.67
N PHE A 89 -5.54 -18.25 11.31
CA PHE A 89 -6.63 -17.69 10.53
C PHE A 89 -7.51 -16.78 11.38
N ARG A 90 -7.85 -17.20 12.59
CA ARG A 90 -8.58 -16.34 13.51
C ARG A 90 -7.74 -15.12 13.88
N ILE A 91 -6.44 -15.31 14.06
CA ILE A 91 -5.51 -14.22 14.38
C ILE A 91 -5.46 -13.20 13.23
N TRP A 92 -5.43 -13.69 12.01
CA TRP A 92 -5.36 -12.82 10.83
C TRP A 92 -6.66 -11.99 10.76
N THR A 93 -7.79 -12.65 10.93
CA THR A 93 -9.07 -11.94 10.89
C THR A 93 -9.10 -10.85 11.95
N ARG A 94 -8.61 -11.12 13.16
CA ARG A 94 -8.62 -10.13 14.20
C ARG A 94 -7.70 -8.97 13.84
N LEU A 95 -6.55 -9.28 13.27
CA LEU A 95 -5.57 -8.25 12.91
C LEU A 95 -6.17 -7.28 11.88
N MET A 96 -6.97 -7.81 10.97
CA MET A 96 -7.44 -7.00 9.84
C MET A 96 -8.83 -6.44 10.03
N THR A 97 -9.37 -6.58 11.23
N THR A 97 -9.40 -6.63 11.21
CA THR A 97 -10.65 -5.99 11.54
CA THR A 97 -10.67 -5.99 11.50
C THR A 97 -10.57 -4.46 11.55
C THR A 97 -10.49 -4.48 11.38
N ASN A 98 -11.54 -3.83 10.88
CA ASN A 98 -11.60 -2.38 10.71
C ASN A 98 -10.50 -1.81 9.79
N GLU A 99 -9.99 -2.63 8.89
CA GLU A 99 -9.06 -2.18 7.84
C GLU A 99 -9.78 -2.09 6.50
N LYS A 100 -9.73 -0.92 5.87
CA LYS A 100 -10.38 -0.76 4.58
C LYS A 100 -9.61 -1.46 3.48
N PRO A 101 -10.30 -1.85 2.40
CA PRO A 101 -9.65 -2.53 1.28
C PRO A 101 -8.79 -1.59 0.43
N GLY A 102 -7.99 -2.16 -0.47
CA GLY A 102 -7.00 -1.39 -1.20
C GLY A 102 -5.86 -1.00 -0.28
N GLY A 103 -4.88 -0.29 -0.82
CA GLY A 103 -3.81 0.21 0.02
C GLY A 103 -2.87 -0.86 0.58
N HIS A 104 -2.45 -1.81 -0.25
CA HIS A 104 -1.65 -2.94 0.22
C HIS A 104 -0.17 -2.60 0.17
N GLY A 105 0.27 -1.91 1.22
CA GLY A 105 1.65 -1.55 1.45
C GLY A 105 1.80 -1.14 2.90
N GLU A 106 2.98 -1.40 3.45
CA GLU A 106 3.37 -1.06 4.84
C GLU A 106 2.60 -1.87 5.89
N ARG A 107 1.28 -1.74 5.95
CA ARG A 107 0.52 -2.58 6.88
C ARG A 107 0.63 -4.06 6.48
N SER A 108 0.84 -4.31 5.18
CA SER A 108 1.08 -5.67 4.69
C SER A 108 2.36 -6.28 5.30
N VAL A 109 3.33 -5.42 5.57
CA VAL A 109 4.59 -5.79 6.19
C VAL A 109 4.38 -6.05 7.69
N ALA A 110 3.64 -5.18 8.37
CA ALA A 110 3.33 -5.40 9.78
C ALA A 110 2.63 -6.74 10.01
N VAL A 111 1.60 -7.00 9.20
CA VAL A 111 0.81 -8.23 9.36
C VAL A 111 1.65 -9.43 8.93
N GLY A 112 2.45 -9.32 7.87
CA GLY A 112 3.32 -10.39 7.43
C GLY A 112 4.29 -10.82 8.49
N THR A 113 4.79 -9.86 9.26
CA THR A 113 5.77 -10.11 10.31
C THR A 113 5.14 -10.81 11.51
N ILE A 114 3.98 -10.34 11.96
CA ILE A 114 3.27 -11.06 13.01
C ILE A 114 2.89 -12.48 12.56
N ASP A 115 2.39 -12.62 11.34
CA ASP A 115 2.00 -13.95 10.84
C ASP A 115 3.18 -14.94 10.84
N MET A 116 4.36 -14.49 10.43
CA MET A 116 5.54 -15.33 10.51
C MET A 116 5.75 -15.85 11.94
N ALA A 117 5.69 -14.97 12.93
CA ALA A 117 5.89 -15.35 14.33
C ALA A 117 4.80 -16.29 14.81
N VAL A 118 3.56 -16.07 14.35
CA VAL A 118 2.45 -16.93 14.72
C VAL A 118 2.68 -18.35 14.20
N TRP A 119 3.05 -18.49 12.94
CA TRP A 119 3.28 -19.83 12.40
C TRP A 119 4.49 -20.50 13.06
N ASP A 120 5.51 -19.71 13.37
CA ASP A 120 6.67 -20.25 14.09
C ASP A 120 6.19 -20.85 15.44
N ALA A 121 5.38 -20.10 16.17
CA ALA A 121 4.81 -20.58 17.44
C ALA A 121 3.93 -21.84 17.27
N VAL A 122 3.08 -21.85 16.25
CA VAL A 122 2.18 -22.98 16.02
C VAL A 122 2.99 -24.23 15.76
N ALA A 123 4.01 -24.13 14.93
CA ALA A 123 4.83 -25.29 14.61
C ALA A 123 5.60 -25.77 15.84
N LYS A 124 6.10 -24.83 16.63
CA LYS A 124 6.78 -25.18 17.87
C LYS A 124 5.84 -25.86 18.87
N ILE A 125 4.61 -25.39 18.97
CA ILE A 125 3.66 -26.01 19.90
C ILE A 125 3.34 -27.43 19.43
N ALA A 126 3.24 -27.62 18.11
CA ALA A 126 3.01 -28.94 17.52
C ALA A 126 4.27 -29.82 17.54
N GLY A 127 5.43 -29.23 17.77
CA GLY A 127 6.67 -29.98 17.86
C GLY A 127 7.32 -30.40 16.56
N VAL A 128 7.06 -29.67 15.47
CA VAL A 128 7.56 -30.07 14.16
C VAL A 128 8.12 -28.86 13.42
N PRO A 129 8.99 -29.08 12.42
CA PRO A 129 9.37 -27.98 11.53
C PRO A 129 8.15 -27.45 10.79
N LEU A 130 8.13 -26.16 10.46
CA LEU A 130 6.96 -25.59 9.82
C LEU A 130 6.61 -26.30 8.50
N TYR A 131 7.62 -26.71 7.71
CA TYR A 131 7.29 -27.34 6.43
C TYR A 131 6.46 -28.61 6.67
N ARG A 132 6.73 -29.31 7.77
CA ARG A 132 6.02 -30.55 8.08
C ARG A 132 4.59 -30.25 8.51
N LEU A 133 4.40 -29.23 9.35
CA LEU A 133 3.05 -28.77 9.71
C LEU A 133 2.26 -28.45 8.43
N LEU A 134 2.87 -27.72 7.50
CA LEU A 134 2.17 -27.30 6.30
C LEU A 134 1.87 -28.47 5.36
N ALA A 135 2.83 -29.36 5.16
CA ALA A 135 2.62 -30.51 4.30
C ALA A 135 1.48 -31.37 4.84
N ASP A 136 1.47 -31.58 6.15
CA ASP A 136 0.47 -32.43 6.78
C ASP A 136 -0.92 -31.83 6.66
N ARG A 137 -1.02 -30.52 6.84
CA ARG A 137 -2.31 -29.85 6.88
C ARG A 137 -2.86 -29.54 5.49
N PHE A 138 -1.97 -29.29 4.53
CA PHE A 138 -2.40 -28.79 3.22
C PHE A 138 -2.03 -29.65 2.01
N ARG A 139 -1.13 -30.61 2.18
CA ARG A 139 -0.64 -31.40 1.05
C ARG A 139 -0.64 -32.91 1.34
N GLY A 140 -1.54 -33.35 2.23
CA GLY A 140 -1.68 -34.76 2.50
C GLY A 140 -0.42 -35.44 3.03
N GLY A 141 0.43 -34.66 3.70
CA GLY A 141 1.64 -35.17 4.31
C GLY A 141 2.82 -35.26 3.36
N VAL A 142 2.66 -34.81 2.13
CA VAL A 142 3.77 -34.88 1.17
C VAL A 142 4.58 -33.59 1.18
N ALA A 143 5.84 -33.67 1.57
CA ALA A 143 6.77 -32.53 1.55
C ALA A 143 7.89 -32.78 0.57
N ASP A 144 8.41 -31.71 -0.05
CA ASP A 144 9.63 -31.84 -0.83
C ASP A 144 10.80 -32.20 0.08
N ASP A 145 11.72 -33.03 -0.42
CA ASP A 145 12.94 -33.41 0.29
C ASP A 145 13.89 -32.23 0.46
N GLY A 146 13.80 -31.27 -0.45
CA GLY A 146 14.66 -30.11 -0.43
C GLY A 146 14.11 -29.04 -1.34
N VAL A 147 14.79 -27.90 -1.38
CA VAL A 147 14.30 -26.73 -2.10
C VAL A 147 15.36 -26.17 -3.02
N TRP A 148 14.94 -25.84 -4.24
CA TRP A 148 15.80 -25.13 -5.18
C TRP A 148 16.07 -23.72 -4.72
N VAL A 149 17.33 -23.33 -4.71
CA VAL A 149 17.72 -21.99 -4.26
C VAL A 149 18.77 -21.39 -5.21
N TYR A 150 18.74 -20.08 -5.38
CA TYR A 150 19.71 -19.35 -6.18
C TYR A 150 20.25 -18.22 -5.32
N ALA A 151 21.44 -17.76 -5.66
CA ALA A 151 22.14 -16.75 -4.88
C ALA A 151 21.94 -15.38 -5.49
N ALA A 152 21.30 -14.50 -4.75
CA ALA A 152 21.01 -13.13 -5.20
C ALA A 152 21.97 -12.13 -4.62
N GLY A 153 22.61 -11.39 -5.50
CA GLY A 153 23.46 -10.27 -5.11
C GLY A 153 23.70 -9.37 -6.32
N GLY A 154 24.97 -9.12 -6.64
CA GLY A 154 25.30 -8.31 -7.80
C GLY A 154 24.77 -6.89 -7.75
N TYR A 155 24.78 -6.31 -6.56
CA TYR A 155 24.36 -4.93 -6.38
C TYR A 155 25.45 -3.98 -6.88
N TYR A 156 25.07 -2.76 -7.20
CA TYR A 156 26.04 -1.69 -7.44
C TYR A 156 26.52 -1.21 -6.07
N TYR A 157 27.76 -0.74 -6.02
CA TYR A 157 28.35 -0.27 -4.78
C TYR A 157 29.51 0.68 -5.13
N PRO A 158 29.73 1.72 -4.32
CA PRO A 158 30.82 2.63 -4.70
C PRO A 158 32.17 1.91 -4.72
N GLY A 159 32.91 2.07 -5.82
CA GLY A 159 34.20 1.42 -5.98
C GLY A 159 34.16 -0.02 -6.43
N LYS A 160 32.95 -0.60 -6.52
CA LYS A 160 32.80 -1.99 -6.96
C LYS A 160 32.84 -2.12 -8.46
N ASP A 161 33.75 -2.97 -8.96
CA ASP A 161 34.05 -3.11 -10.37
C ASP A 161 33.84 -4.56 -10.77
N VAL A 162 34.14 -4.90 -12.02
CA VAL A 162 33.83 -6.25 -12.51
C VAL A 162 34.64 -7.31 -11.79
N LYS A 163 35.86 -6.99 -11.36
CA LYS A 163 36.68 -7.96 -10.63
C LYS A 163 35.98 -8.28 -9.31
N ALA A 164 35.50 -7.27 -8.59
CA ALA A 164 34.83 -7.52 -7.33
C ALA A 164 33.52 -8.28 -7.52
N LEU A 165 32.80 -7.97 -8.60
CA LEU A 165 31.55 -8.67 -8.92
C LEU A 165 31.84 -10.14 -9.24
N GLN A 166 32.91 -10.40 -9.97
CA GLN A 166 33.30 -11.78 -10.23
C GLN A 166 33.64 -12.52 -8.94
N ASP A 167 34.41 -11.88 -8.05
CA ASP A 167 34.77 -12.51 -6.78
C ASP A 167 33.53 -12.87 -5.97
N GLU A 168 32.56 -11.96 -5.97
CA GLU A 168 31.30 -12.18 -5.29
C GLU A 168 30.62 -13.43 -5.84
N MET A 169 30.42 -13.50 -7.16
CA MET A 169 29.69 -14.62 -7.75
C MET A 169 30.44 -15.95 -7.59
N ARG A 170 31.77 -15.91 -7.64
CA ARG A 170 32.58 -17.08 -7.37
C ARG A 170 32.31 -17.60 -5.95
N SER A 171 32.21 -16.69 -4.99
CA SER A 171 31.96 -17.09 -3.61
C SER A 171 30.58 -17.71 -3.42
N TYR A 172 29.62 -17.31 -4.26
CA TYR A 172 28.31 -17.93 -4.19
C TYR A 172 28.39 -19.34 -4.74
N ARG A 173 29.08 -19.51 -5.85
N ARG A 173 29.07 -19.51 -5.88
CA ARG A 173 29.23 -20.83 -6.45
CA ARG A 173 29.26 -20.83 -6.49
C ARG A 173 30.02 -21.78 -5.55
C ARG A 173 30.02 -21.77 -5.55
N ASP A 174 31.04 -21.25 -4.87
CA ASP A 174 31.82 -22.05 -3.92
C ASP A 174 30.97 -22.50 -2.73
N ARG A 175 29.90 -21.76 -2.41
CA ARG A 175 29.00 -22.15 -1.33
C ARG A 175 27.83 -23.00 -1.81
N GLY A 176 27.91 -23.51 -3.03
CA GLY A 176 26.96 -24.52 -3.50
C GLY A 176 25.86 -24.07 -4.43
N TYR A 177 25.74 -22.77 -4.68
CA TYR A 177 24.72 -22.25 -5.58
C TYR A 177 25.16 -22.43 -7.01
N ARG A 178 24.27 -22.84 -7.90
CA ARG A 178 24.59 -22.93 -9.32
C ARG A 178 24.20 -21.64 -10.04
N VAL A 179 23.00 -21.15 -9.77
CA VAL A 179 22.42 -20.00 -10.43
C VAL A 179 22.58 -18.79 -9.52
N VAL A 180 22.97 -17.66 -10.11
CA VAL A 180 23.12 -16.40 -9.38
C VAL A 180 22.26 -15.31 -10.03
N LYS A 181 21.97 -14.25 -9.26
CA LYS A 181 21.22 -13.12 -9.79
C LYS A 181 22.00 -11.84 -9.52
N MET A 182 21.97 -10.93 -10.48
CA MET A 182 22.63 -9.63 -10.35
C MET A 182 21.66 -8.51 -10.71
N LYS A 183 22.00 -7.29 -10.30
CA LYS A 183 21.21 -6.12 -10.62
C LYS A 183 21.65 -5.52 -11.95
N ILE A 184 20.68 -5.00 -12.69
CA ILE A 184 20.92 -4.22 -13.91
C ILE A 184 20.06 -2.96 -13.84
N GLY A 185 20.28 -2.03 -14.77
CA GLY A 185 19.50 -0.82 -14.86
C GLY A 185 19.99 0.37 -14.05
N GLY A 186 21.06 0.20 -13.29
CA GLY A 186 21.66 1.29 -12.52
C GLY A 186 22.94 1.83 -13.11
N ALA A 187 23.17 1.53 -14.39
CA ALA A 187 24.33 2.01 -15.12
C ALA A 187 23.95 2.01 -16.60
N PRO A 188 24.70 2.73 -17.42
CA PRO A 188 24.42 2.65 -18.86
C PRO A 188 24.47 1.21 -19.39
N LEU A 189 23.72 0.96 -20.46
CA LEU A 189 23.57 -0.37 -21.03
C LEU A 189 24.92 -1.04 -21.26
N ALA A 190 25.87 -0.33 -21.86
CA ALA A 190 27.15 -0.95 -22.19
C ALA A 190 27.87 -1.39 -20.94
N GLU A 191 27.73 -0.63 -19.86
CA GLU A 191 28.42 -0.94 -18.63
C GLU A 191 27.75 -2.17 -18.01
N ASP A 192 26.42 -2.25 -18.05
CA ASP A 192 25.71 -3.45 -17.57
C ASP A 192 26.08 -4.68 -18.39
N LEU A 193 26.20 -4.56 -19.72
CA LEU A 193 26.59 -5.70 -20.54
C LEU A 193 27.98 -6.20 -20.18
N ARG A 194 28.91 -5.29 -19.92
CA ARG A 194 30.24 -5.67 -19.48
C ARG A 194 30.18 -6.42 -18.12
N ARG A 195 29.31 -5.96 -17.22
CA ARG A 195 29.11 -6.65 -15.93
C ARG A 195 28.57 -8.07 -16.14
N ILE A 196 27.62 -8.21 -17.06
CA ILE A 196 27.03 -9.51 -17.36
C ILE A 196 28.10 -10.40 -17.98
N ASP A 197 28.90 -9.87 -18.89
CA ASP A 197 29.99 -10.63 -19.51
C ASP A 197 30.91 -11.14 -18.43
N ALA A 198 31.22 -10.28 -17.47
CA ALA A 198 32.18 -10.65 -16.43
C ALA A 198 31.63 -11.79 -15.59
N VAL A 199 30.34 -11.73 -15.27
CA VAL A 199 29.75 -12.77 -14.44
C VAL A 199 29.65 -14.10 -15.18
N LEU A 200 29.35 -14.07 -16.47
CA LEU A 200 29.28 -15.29 -17.25
C LEU A 200 30.64 -16.00 -17.35
N GLU A 201 31.74 -15.26 -17.24
CA GLU A 201 33.07 -15.90 -17.18
C GLU A 201 33.19 -16.78 -15.95
N VAL A 202 32.46 -16.45 -14.90
CA VAL A 202 32.44 -17.24 -13.68
C VAL A 202 31.41 -18.38 -13.74
N VAL A 203 30.17 -18.10 -14.14
CA VAL A 203 29.12 -19.10 -14.01
C VAL A 203 28.83 -19.90 -15.27
N GLY A 204 29.44 -19.53 -16.38
CA GLY A 204 29.33 -20.30 -17.60
C GLY A 204 28.10 -19.97 -18.42
N SER A 205 27.14 -20.89 -18.45
CA SER A 205 25.92 -20.73 -19.25
C SER A 205 25.02 -19.60 -18.74
N GLY A 206 24.34 -18.92 -19.67
CA GLY A 206 23.24 -18.04 -19.30
C GLY A 206 22.19 -18.70 -18.42
N ASP A 207 22.09 -20.03 -18.51
CA ASP A 207 21.20 -20.80 -17.66
C ASP A 207 21.50 -20.55 -16.19
N ASN A 208 22.70 -20.09 -15.90
CA ASN A 208 23.11 -19.85 -14.52
C ASN A 208 23.06 -18.39 -14.06
N LEU A 209 22.43 -17.52 -14.86
CA LEU A 209 22.38 -16.09 -14.54
C LEU A 209 20.99 -15.49 -14.71
N CYS A 210 20.53 -14.80 -13.64
CA CYS A 210 19.34 -13.97 -13.68
C CYS A 210 19.75 -12.53 -13.58
N VAL A 211 18.97 -11.65 -14.19
CA VAL A 211 19.18 -10.21 -14.07
C VAL A 211 17.90 -9.52 -13.59
N ASP A 212 18.06 -8.48 -12.78
CA ASP A 212 16.93 -7.82 -12.10
C ASP A 212 17.02 -6.31 -12.27
N ALA A 213 16.02 -5.74 -12.94
CA ALA A 213 15.97 -4.29 -13.18
C ALA A 213 15.21 -3.52 -12.11
N ASN A 214 14.66 -4.22 -11.12
CA ASN A 214 13.97 -3.61 -9.99
C ASN A 214 12.88 -2.58 -10.35
N GLY A 215 12.21 -2.85 -11.45
CA GLY A 215 11.06 -2.08 -11.87
C GLY A 215 11.37 -0.73 -12.45
N ARG A 216 12.60 -0.49 -12.87
CA ARG A 216 13.02 0.87 -13.22
C ARG A 216 12.68 1.28 -14.65
N PHE A 217 12.47 0.35 -15.56
CA PHE A 217 12.44 0.68 -16.99
C PHE A 217 11.05 1.11 -17.51
N ASP A 218 11.03 2.13 -18.37
CA ASP A 218 9.88 2.35 -19.23
C ASP A 218 9.85 1.31 -20.35
N ILE A 219 8.80 1.29 -21.15
CA ILE A 219 8.67 0.20 -22.13
C ILE A 219 9.82 0.21 -23.15
N ASP A 220 10.21 1.38 -23.64
CA ASP A 220 11.27 1.43 -24.64
C ASP A 220 12.59 0.88 -24.08
N THR A 221 12.93 1.26 -22.86
CA THR A 221 14.16 0.81 -22.23
C THR A 221 14.07 -0.71 -21.91
N ALA A 222 12.90 -1.15 -21.48
CA ALA A 222 12.68 -2.56 -21.17
C ALA A 222 12.86 -3.42 -22.41
N ILE A 223 12.32 -2.97 -23.53
CA ILE A 223 12.50 -3.66 -24.80
C ILE A 223 13.95 -3.63 -25.26
N ALA A 224 14.60 -2.46 -25.16
CA ALA A 224 15.99 -2.33 -25.58
C ALA A 224 16.92 -3.23 -24.77
N TYR A 225 16.74 -3.24 -23.46
CA TYR A 225 17.53 -4.17 -22.65
C TYR A 225 17.21 -5.60 -23.06
N GLY A 226 15.94 -5.92 -23.23
CA GLY A 226 15.59 -7.27 -23.69
C GLY A 226 16.32 -7.70 -24.95
N GLU A 227 16.42 -6.81 -25.93
CA GLU A 227 17.07 -7.19 -27.17
C GLU A 227 18.54 -7.46 -26.92
N ALA A 228 19.16 -6.66 -26.06
CA ALA A 228 20.58 -6.81 -25.77
C ALA A 228 20.85 -8.06 -24.93
N LEU A 229 19.86 -8.46 -24.15
CA LEU A 229 19.97 -9.63 -23.26
C LEU A 229 19.75 -10.95 -23.98
N LYS A 230 19.00 -10.93 -25.08
CA LYS A 230 18.62 -12.17 -25.76
C LYS A 230 19.78 -13.11 -26.09
N PRO A 231 20.87 -12.59 -26.64
CA PRO A 231 21.98 -13.47 -27.04
C PRO A 231 22.58 -14.25 -25.88
N TYR A 232 22.38 -13.80 -24.65
CA TYR A 232 22.98 -14.46 -23.50
C TYR A 232 22.17 -15.66 -23.01
N GLY A 233 20.92 -15.77 -23.43
CA GLY A 233 20.09 -16.89 -22.99
C GLY A 233 19.95 -16.98 -21.48
N LEU A 234 19.58 -15.86 -20.86
CA LEU A 234 19.53 -15.77 -19.40
C LEU A 234 18.39 -16.58 -18.80
N PHE A 235 18.59 -17.05 -17.58
CA PHE A 235 17.58 -17.86 -16.92
C PHE A 235 16.27 -17.07 -16.70
N TRP A 236 16.37 -15.83 -16.24
CA TRP A 236 15.23 -14.94 -16.27
C TRP A 236 15.67 -13.49 -16.26
N TYR A 237 14.75 -12.65 -16.74
CA TYR A 237 14.85 -11.18 -16.80
C TYR A 237 13.74 -10.67 -15.86
N GLU A 238 14.14 -10.12 -14.72
CA GLU A 238 13.24 -9.81 -13.63
C GLU A 238 12.87 -8.33 -13.48
N GLU A 239 11.56 -8.11 -13.26
CA GLU A 239 10.96 -6.82 -12.94
C GLU A 239 11.48 -5.70 -13.83
N ALA A 240 11.24 -5.84 -15.12
CA ALA A 240 11.75 -4.87 -16.08
C ALA A 240 11.14 -3.50 -15.80
N GLY A 241 9.80 -3.47 -15.70
CA GLY A 241 9.07 -2.25 -15.49
C GLY A 241 8.34 -2.19 -14.16
N ASP A 242 7.65 -1.07 -13.95
CA ASP A 242 6.93 -0.84 -12.71
C ASP A 242 6.08 -2.06 -12.36
N PRO A 243 6.14 -2.51 -11.10
CA PRO A 243 5.44 -3.74 -10.71
C PRO A 243 3.95 -3.71 -10.98
N LEU A 244 3.36 -2.51 -11.00
CA LEU A 244 1.93 -2.38 -11.19
C LEU A 244 1.53 -2.11 -12.65
N ASP A 245 2.50 -1.88 -13.54
CA ASP A 245 2.19 -1.52 -14.93
C ASP A 245 2.03 -2.82 -15.73
N TYR A 246 0.88 -3.46 -15.53
CA TYR A 246 0.65 -4.78 -16.11
C TYR A 246 0.70 -4.75 -17.64
N ALA A 247 0.11 -3.73 -18.24
CA ALA A 247 0.16 -3.59 -19.69
C ALA A 247 1.58 -3.52 -20.26
N LEU A 248 2.51 -2.91 -19.52
CA LEU A 248 3.90 -2.83 -19.96
C LEU A 248 4.52 -4.24 -20.04
N GLN A 249 4.35 -5.03 -18.99
CA GLN A 249 4.85 -6.40 -19.01
C GLN A 249 4.24 -7.21 -20.16
N ALA A 250 2.94 -7.03 -20.39
CA ALA A 250 2.25 -7.73 -21.48
C ALA A 250 2.84 -7.35 -22.84
N GLU A 251 3.16 -6.07 -23.02
CA GLU A 251 3.76 -5.63 -24.26
C GLU A 251 5.18 -6.17 -24.38
N LEU A 252 5.94 -6.13 -23.28
CA LEU A 252 7.32 -6.63 -23.27
C LEU A 252 7.37 -8.12 -23.68
N ALA A 253 6.41 -8.89 -23.23
CA ALA A 253 6.38 -10.31 -23.54
C ALA A 253 6.24 -10.55 -25.06
N LYS A 254 5.71 -9.58 -25.79
CA LYS A 254 5.63 -9.69 -27.25
C LYS A 254 7.00 -9.55 -27.90
N HIS A 255 7.96 -8.95 -27.19
CA HIS A 255 9.28 -8.66 -27.72
C HIS A 255 10.39 -9.52 -27.13
N TYR A 256 10.10 -10.24 -26.05
CA TYR A 256 11.11 -11.00 -25.33
C TYR A 256 10.53 -12.36 -24.97
N ASP A 257 10.93 -13.37 -25.72
CA ASP A 257 10.32 -14.70 -25.64
C ASP A 257 10.91 -15.60 -24.53
N ARG A 258 12.07 -15.21 -24.00
CA ARG A 258 12.69 -15.94 -22.90
C ARG A 258 12.04 -15.62 -21.55
N PRO A 259 12.36 -16.42 -20.51
CA PRO A 259 11.64 -16.31 -19.23
C PRO A 259 11.81 -14.96 -18.54
N MET A 260 10.72 -14.49 -17.97
CA MET A 260 10.72 -13.28 -17.17
C MET A 260 10.14 -13.58 -15.80
N ALA A 261 10.42 -12.70 -14.84
CA ALA A 261 9.98 -12.89 -13.46
C ALA A 261 9.53 -11.57 -12.90
N THR A 262 8.46 -11.58 -12.11
CA THR A 262 8.09 -10.38 -11.39
C THR A 262 7.21 -10.73 -10.18
N GLY A 263 6.88 -9.72 -9.37
CA GLY A 263 5.89 -9.87 -8.32
C GLY A 263 6.33 -9.63 -6.90
N GLU A 264 7.62 -9.44 -6.64
CA GLU A 264 8.08 -9.21 -5.28
C GLU A 264 7.41 -8.00 -4.63
N ASN A 265 6.98 -7.04 -5.48
CA ASN A 265 6.41 -5.78 -4.98
C ASN A 265 4.90 -5.73 -5.08
N LEU A 266 4.26 -6.89 -5.20
CA LEU A 266 2.81 -7.04 -5.10
C LEU A 266 2.49 -7.72 -3.75
N PHE A 267 1.66 -7.08 -2.92
CA PHE A 267 1.58 -7.42 -1.49
C PHE A 267 0.20 -7.94 -1.04
N SER A 268 -0.60 -8.41 -2.00
CA SER A 268 -1.91 -9.00 -1.69
C SER A 268 -2.31 -9.98 -2.79
N HIS A 269 -3.25 -10.85 -2.47
CA HIS A 269 -3.78 -11.74 -3.51
C HIS A 269 -4.49 -10.93 -4.61
N GLN A 270 -5.07 -9.78 -4.25
CA GLN A 270 -5.76 -8.95 -5.25
C GLN A 270 -4.77 -8.41 -6.27
N ASP A 271 -3.65 -7.90 -5.78
CA ASP A 271 -2.63 -7.38 -6.67
C ASP A 271 -1.98 -8.50 -7.50
N ALA A 272 -1.71 -9.64 -6.88
CA ALA A 272 -1.20 -10.80 -7.59
C ALA A 272 -2.17 -11.23 -8.68
N ARG A 273 -3.46 -11.23 -8.36
CA ARG A 273 -4.46 -11.65 -9.33
C ARG A 273 -4.49 -10.71 -10.53
N ASN A 274 -4.35 -9.41 -10.29
CA ASN A 274 -4.27 -8.45 -11.39
C ASN A 274 -3.07 -8.69 -12.31
N LEU A 275 -1.93 -9.09 -11.75
CA LEU A 275 -0.78 -9.47 -12.58
C LEU A 275 -1.14 -10.66 -13.47
N ILE A 276 -1.77 -11.66 -12.87
CA ILE A 276 -2.15 -12.87 -13.59
C ILE A 276 -3.16 -12.60 -14.69
N ARG A 277 -4.13 -11.71 -14.44
CA ARG A 277 -5.13 -11.37 -15.44
C ARG A 277 -4.63 -10.47 -16.54
N HIS A 278 -3.81 -9.50 -16.19
CA HIS A 278 -3.52 -8.37 -17.09
C HIS A 278 -2.07 -8.19 -17.49
N GLY A 279 -1.15 -8.96 -16.92
CA GLY A 279 0.27 -8.76 -17.15
C GLY A 279 0.92 -9.58 -18.25
N GLY A 280 0.17 -10.43 -18.93
CA GLY A 280 0.74 -11.23 -20.00
C GLY A 280 1.85 -12.17 -19.54
N MET A 281 1.81 -12.60 -18.29
CA MET A 281 2.75 -13.61 -17.81
C MET A 281 2.34 -14.96 -18.38
N ARG A 282 3.34 -15.79 -18.65
CA ARG A 282 3.16 -17.04 -19.37
C ARG A 282 3.41 -18.21 -18.43
N PRO A 283 2.36 -18.96 -18.09
CA PRO A 283 2.46 -20.01 -17.05
C PRO A 283 3.49 -21.08 -17.32
N ASP A 284 3.87 -21.27 -18.58
CA ASP A 284 4.79 -22.32 -18.98
C ASP A 284 6.25 -21.95 -18.79
N ARG A 285 6.55 -20.66 -18.62
CA ARG A 285 7.94 -20.23 -18.66
C ARG A 285 8.32 -19.10 -17.71
N ASP A 286 7.35 -18.34 -17.21
CA ASP A 286 7.64 -17.18 -16.37
C ASP A 286 7.55 -17.53 -14.89
N TRP A 287 7.97 -16.61 -14.03
CA TRP A 287 8.19 -16.87 -12.60
C TRP A 287 7.55 -15.76 -11.76
N LEU A 288 6.99 -16.15 -10.63
CA LEU A 288 6.25 -15.25 -9.75
C LEU A 288 6.98 -15.19 -8.40
N GLN A 289 7.11 -13.99 -7.82
CA GLN A 289 8.07 -13.79 -6.73
C GLN A 289 7.50 -13.16 -5.48
N PHE A 290 6.19 -13.37 -5.30
CA PHE A 290 5.45 -12.88 -4.14
C PHE A 290 6.15 -13.32 -2.85
N ASP A 291 6.19 -12.44 -1.86
CA ASP A 291 6.93 -12.65 -0.61
C ASP A 291 5.95 -12.54 0.57
N CYS A 292 5.67 -13.64 1.26
CA CYS A 292 4.63 -13.61 2.30
C CYS A 292 4.92 -12.62 3.43
N ALA A 293 6.20 -12.38 3.74
CA ALA A 293 6.55 -11.56 4.88
C ALA A 293 6.17 -10.09 4.63
N LEU A 294 6.02 -9.71 3.37
CA LEU A 294 5.67 -8.36 2.96
C LEU A 294 4.21 -8.24 2.57
N SER A 295 3.47 -9.35 2.64
CA SER A 295 2.19 -9.47 1.95
C SER A 295 1.07 -10.02 2.84
N TYR A 296 1.07 -9.63 4.11
CA TYR A 296 0.10 -10.09 5.11
C TYR A 296 0.25 -11.58 5.44
N GLY A 297 1.38 -12.19 5.12
CA GLY A 297 1.74 -13.48 5.69
C GLY A 297 1.19 -14.67 4.95
N LEU A 298 1.43 -15.83 5.53
CA LEU A 298 1.04 -17.10 4.94
C LEU A 298 -0.47 -17.29 4.83
N VAL A 299 -1.24 -16.72 5.76
CA VAL A 299 -2.68 -16.81 5.63
C VAL A 299 -3.14 -16.19 4.31
N GLU A 300 -2.59 -15.04 3.99
CA GLU A 300 -2.90 -14.38 2.72
C GLU A 300 -2.26 -15.13 1.54
N TYR A 301 -1.06 -15.70 1.73
CA TYR A 301 -0.35 -16.40 0.65
C TYR A 301 -1.15 -17.61 0.15
N LEU A 302 -1.86 -18.26 1.08
CA LEU A 302 -2.74 -19.39 0.72
C LEU A 302 -3.84 -18.93 -0.24
N ARG A 303 -4.40 -17.75 -0.03
CA ARG A 303 -5.37 -17.16 -0.95
C ARG A 303 -4.73 -16.92 -2.33
N THR A 304 -3.52 -16.40 -2.34
CA THR A 304 -2.79 -16.21 -3.60
C THR A 304 -2.55 -17.54 -4.30
N LEU A 305 -2.14 -18.57 -3.57
CA LEU A 305 -1.93 -19.89 -4.18
C LEU A 305 -3.23 -20.46 -4.75
N ASP A 306 -4.35 -20.29 -4.04
CA ASP A 306 -5.64 -20.76 -4.53
C ASP A 306 -5.99 -20.05 -5.84
N MET A 307 -5.76 -18.75 -5.85
CA MET A 307 -5.97 -17.93 -7.05
C MET A 307 -5.13 -18.42 -8.22
N LEU A 308 -3.87 -18.75 -7.98
CA LEU A 308 -3.03 -19.24 -9.05
C LEU A 308 -3.60 -20.52 -9.66
N LYS A 309 -4.04 -21.45 -8.81
CA LYS A 309 -4.60 -22.70 -9.31
C LYS A 309 -5.81 -22.44 -10.19
N GLU A 310 -6.71 -21.59 -9.72
CA GLU A 310 -7.92 -21.24 -10.45
C GLU A 310 -7.62 -20.61 -11.81
N ASN A 311 -6.46 -19.98 -11.90
CA ASN A 311 -6.05 -19.26 -13.11
C ASN A 311 -5.02 -20.02 -13.96
N GLY A 312 -4.85 -21.31 -13.68
CA GLY A 312 -4.03 -22.15 -14.54
C GLY A 312 -2.55 -22.04 -14.31
N TRP A 313 -2.13 -21.59 -13.13
CA TRP A 313 -0.72 -21.50 -12.79
C TRP A 313 -0.34 -22.53 -11.74
N SER A 314 0.78 -23.20 -11.96
CA SER A 314 1.33 -24.10 -10.95
C SER A 314 2.07 -23.36 -9.85
N SER A 315 1.98 -23.86 -8.62
CA SER A 315 2.76 -23.32 -7.53
C SER A 315 4.27 -23.46 -7.81
N ARG A 316 4.65 -24.37 -8.69
CA ARG A 316 6.05 -24.55 -9.03
C ARG A 316 6.63 -23.35 -9.80
N ARG A 317 5.79 -22.39 -10.20
CA ARG A 317 6.29 -21.18 -10.85
C ARG A 317 6.60 -20.11 -9.84
N VAL A 318 6.34 -20.37 -8.55
CA VAL A 318 6.54 -19.37 -7.50
C VAL A 318 7.88 -19.57 -6.83
N VAL A 319 8.71 -18.52 -6.86
CA VAL A 319 10.00 -18.50 -6.20
C VAL A 319 10.09 -17.21 -5.40
N PRO A 320 9.81 -17.25 -4.10
CA PRO A 320 9.65 -15.99 -3.36
C PRO A 320 10.90 -15.13 -3.25
N HIS A 321 10.70 -13.83 -3.33
CA HIS A 321 11.67 -12.87 -2.85
C HIS A 321 11.88 -13.03 -1.36
N GLY A 322 13.05 -12.66 -0.88
CA GLY A 322 13.28 -12.33 0.52
C GLY A 322 14.32 -13.14 1.27
N GLY A 323 14.69 -14.31 0.74
CA GLY A 323 15.77 -15.15 1.27
C GLY A 323 15.52 -15.80 2.62
N HIS A 324 14.28 -15.83 3.10
CA HIS A 324 14.05 -16.22 4.47
C HIS A 324 13.58 -17.67 4.66
N GLN A 325 13.74 -18.15 5.87
CA GLN A 325 13.36 -19.51 6.23
C GLN A 325 11.85 -19.73 6.22
N MET A 326 11.08 -18.68 6.47
CA MET A 326 9.64 -18.81 6.36
C MET A 326 9.27 -19.28 4.95
N SER A 327 9.80 -18.61 3.92
CA SER A 327 9.55 -19.02 2.55
C SER A 327 10.13 -20.40 2.27
N LEU A 328 11.29 -20.71 2.87
CA LEU A 328 11.91 -22.01 2.65
C LEU A 328 10.95 -23.13 3.10
N ASN A 329 10.33 -22.94 4.26
CA ASN A 329 9.37 -23.90 4.78
C ASN A 329 8.12 -23.99 3.91
N ILE A 330 7.63 -22.83 3.45
CA ILE A 330 6.48 -22.82 2.56
C ILE A 330 6.79 -23.56 1.26
N ALA A 331 7.99 -23.34 0.74
CA ALA A 331 8.37 -23.96 -0.51
C ALA A 331 8.29 -25.50 -0.43
N ALA A 332 8.86 -26.07 0.63
CA ALA A 332 8.88 -27.52 0.79
C ALA A 332 7.53 -28.09 1.19
N GLY A 333 6.81 -27.34 2.01
CA GLY A 333 5.54 -27.80 2.55
C GLY A 333 4.38 -27.65 1.61
N LEU A 334 4.40 -26.59 0.81
CA LEU A 334 3.29 -26.29 -0.11
C LEU A 334 3.62 -26.47 -1.59
N HIS A 335 4.88 -26.79 -1.87
CA HIS A 335 5.37 -27.19 -3.20
C HIS A 335 5.56 -25.97 -4.11
N LEU A 336 6.34 -25.01 -3.67
CA LEU A 336 6.73 -23.89 -4.54
C LEU A 336 7.90 -24.30 -5.44
N GLY A 337 8.28 -23.41 -6.34
CA GLY A 337 9.39 -23.68 -7.26
C GLY A 337 10.76 -23.54 -6.65
N GLY A 338 10.88 -22.85 -5.52
CA GLY A 338 12.18 -22.63 -4.90
C GLY A 338 12.14 -21.44 -3.98
N ASN A 339 13.31 -20.92 -3.62
CA ASN A 339 13.42 -19.72 -2.79
C ASN A 339 14.66 -18.93 -3.18
N GLU A 340 14.55 -17.60 -3.18
CA GLU A 340 15.70 -16.72 -3.30
C GLU A 340 16.57 -16.89 -2.07
N SER A 341 17.89 -16.76 -2.21
CA SER A 341 18.78 -16.72 -1.06
C SER A 341 19.76 -15.56 -1.16
N TYR A 342 20.13 -14.99 -0.01
CA TYR A 342 21.15 -13.96 0.06
C TYR A 342 22.35 -14.44 0.87
N PRO A 343 23.45 -14.81 0.20
CA PRO A 343 24.59 -15.27 0.99
C PRO A 343 25.42 -14.13 1.59
N ASP A 344 25.35 -12.93 1.05
CA ASP A 344 26.17 -11.80 1.54
C ASP A 344 25.30 -10.69 2.19
N VAL A 345 24.23 -10.28 1.52
CA VAL A 345 23.55 -9.04 1.88
C VAL A 345 22.51 -9.22 3.00
N PHE A 346 22.34 -8.13 3.75
CA PHE A 346 21.31 -7.97 4.79
C PHE A 346 21.61 -8.79 6.05
N LYS A 347 22.88 -9.04 6.31
CA LYS A 347 23.27 -9.79 7.52
C LYS A 347 22.77 -9.10 8.76
N PRO A 348 22.29 -9.88 9.75
CA PRO A 348 22.21 -11.34 9.79
C PRO A 348 20.89 -11.93 9.24
N PHE A 349 20.06 -11.07 8.64
CA PHE A 349 18.75 -11.47 8.13
C PHE A 349 18.82 -12.09 6.75
N CYS A 350 19.57 -13.19 6.69
CA CYS A 350 19.88 -13.86 5.43
C CYS A 350 20.42 -15.24 5.74
N GLY A 351 20.38 -16.09 4.74
CA GLY A 351 20.80 -17.46 4.87
C GLY A 351 19.77 -18.35 5.53
N PHE A 352 20.07 -19.65 5.54
CA PHE A 352 19.22 -20.64 6.18
C PHE A 352 19.99 -21.24 7.36
N ALA A 353 19.57 -22.41 7.85
CA ALA A 353 20.18 -22.99 9.05
C ALA A 353 21.70 -23.15 8.96
N ASP A 354 22.40 -22.83 10.05
CA ASP A 354 23.83 -23.08 10.14
C ASP A 354 24.12 -24.57 9.91
N GLY A 355 25.21 -24.87 9.22
CA GLY A 355 25.69 -26.23 9.17
C GLY A 355 24.99 -27.15 8.19
N ILE A 356 24.10 -26.60 7.38
CA ILE A 356 23.38 -27.37 6.38
C ILE A 356 23.70 -26.72 5.04
N ALA A 357 24.57 -27.37 4.28
CA ALA A 357 25.14 -26.75 3.08
C ALA A 357 24.19 -26.84 1.90
N VAL A 358 24.20 -25.79 1.08
CA VAL A 358 23.57 -25.85 -0.24
C VAL A 358 24.44 -26.71 -1.14
N GLU A 359 23.81 -27.61 -1.90
CA GLU A 359 24.53 -28.53 -2.78
C GLU A 359 23.95 -28.48 -4.18
N ASP A 360 24.76 -28.00 -5.13
CA ASP A 360 24.32 -27.73 -6.50
C ASP A 360 22.89 -27.21 -6.55
N GLY A 361 22.70 -26.10 -5.85
CA GLY A 361 21.47 -25.35 -5.92
C GLY A 361 20.27 -25.90 -5.19
N ARG A 362 20.46 -26.86 -4.29
CA ARG A 362 19.36 -27.41 -3.50
C ARG A 362 19.78 -27.45 -2.03
N VAL A 363 18.84 -27.17 -1.14
CA VAL A 363 19.12 -27.20 0.28
C VAL A 363 18.02 -27.98 0.97
N ARG A 364 18.38 -28.76 1.97
CA ARG A 364 17.39 -29.45 2.80
C ARG A 364 17.03 -28.56 4.00
N LEU A 365 15.93 -28.91 4.66
CA LEU A 365 15.43 -28.19 5.81
C LEU A 365 15.69 -28.99 7.07
N PRO A 366 16.05 -28.30 8.16
CA PRO A 366 16.36 -29.00 9.40
C PRO A 366 15.12 -29.59 10.08
N ASP A 367 15.28 -30.77 10.65
CA ASP A 367 14.21 -31.39 11.44
C ASP A 367 14.27 -30.82 12.85
N LEU A 368 13.85 -29.57 12.94
CA LEU A 368 13.84 -28.80 14.19
C LEU A 368 12.51 -28.05 14.26
N PRO A 369 11.96 -27.87 15.46
CA PRO A 369 10.64 -27.22 15.54
C PRO A 369 10.62 -25.77 15.05
N GLY A 370 9.51 -25.39 14.42
CA GLY A 370 9.33 -24.01 14.02
C GLY A 370 9.87 -23.68 12.66
N VAL A 371 10.02 -22.39 12.43
CA VAL A 371 10.60 -21.88 11.19
C VAL A 371 12.09 -22.25 11.07
N GLY A 372 12.77 -22.29 12.20
CA GLY A 372 14.18 -22.62 12.24
C GLY A 372 15.14 -21.51 12.68
N PHE A 373 14.63 -20.44 13.29
CA PHE A 373 15.49 -19.32 13.68
C PHE A 373 16.62 -19.73 14.62
N GLU A 374 16.34 -20.63 15.55
CA GLU A 374 17.29 -21.01 16.58
C GLU A 374 18.49 -21.74 15.96
N ALA A 375 18.31 -22.25 14.74
CA ALA A 375 19.38 -22.95 14.02
C ALA A 375 20.34 -21.98 13.34
N LYS A 376 20.06 -20.68 13.43
CA LYS A 376 20.93 -19.64 12.90
C LYS A 376 21.47 -18.84 14.08
N SER A 377 22.69 -19.13 14.49
CA SER A 377 23.22 -18.61 15.73
C SER A 377 23.24 -17.07 15.75
N GLU A 378 23.74 -16.45 14.70
CA GLU A 378 23.89 -15.00 14.68
C GLU A 378 22.53 -14.32 14.62
N LEU A 379 21.69 -14.75 13.70
CA LEU A 379 20.37 -14.16 13.57
C LEU A 379 19.57 -14.30 14.86
N PHE A 380 19.57 -15.48 15.45
CA PHE A 380 18.79 -15.66 16.67
C PHE A 380 19.32 -14.81 17.83
N ALA A 381 20.64 -14.69 17.94
CA ALA A 381 21.23 -13.84 18.97
C ALA A 381 20.76 -12.39 18.78
N THR A 382 20.78 -11.94 17.52
CA THR A 382 20.38 -10.58 17.21
C THR A 382 18.91 -10.34 17.54
N MET A 383 18.04 -11.23 17.08
CA MET A 383 16.61 -11.07 17.28
C MET A 383 16.21 -11.16 18.74
N SER A 384 16.71 -12.18 19.44
CA SER A 384 16.37 -12.36 20.84
C SER A 384 16.92 -11.20 21.69
N GLY A 385 18.07 -10.67 21.30
CA GLY A 385 18.61 -9.51 21.98
C GLY A 385 17.72 -8.29 21.81
N LEU A 386 17.34 -8.02 20.55
CA LEU A 386 16.50 -6.88 20.23
C LEU A 386 15.16 -6.98 20.94
N LEU A 387 14.62 -8.20 21.04
CA LEU A 387 13.28 -8.42 21.60
C LEU A 387 13.25 -8.73 23.10
N GLY A 388 14.41 -8.74 23.74
CA GLY A 388 14.49 -8.89 25.18
C GLY A 388 14.17 -10.32 25.63
N THR A 389 14.39 -11.29 24.77
CA THR A 389 14.09 -12.69 25.11
C THR A 389 15.36 -13.52 25.35
N ARG A 390 16.53 -12.88 25.24
CA ARG A 390 17.80 -13.55 25.50
C ARG A 390 18.08 -13.57 27.00
N MET B 1 15.24 31.78 2.36
CA MET B 1 14.07 31.16 3.01
C MET B 1 14.19 29.64 2.99
N ARG B 2 13.43 28.98 3.85
CA ARG B 2 13.54 27.53 3.97
C ARG B 2 12.40 26.96 4.78
N ILE B 3 12.22 25.65 4.69
CA ILE B 3 11.47 24.91 5.69
C ILE B 3 12.37 24.76 6.91
N VAL B 4 11.92 25.28 8.05
CA VAL B 4 12.71 25.26 9.29
C VAL B 4 12.49 23.92 10.01
N GLU B 5 11.26 23.46 10.02
CA GLU B 5 10.94 22.18 10.64
C GLU B 5 9.60 21.68 10.17
N ILE B 6 9.38 20.39 10.36
CA ILE B 6 8.10 19.76 10.06
C ILE B 6 7.65 18.99 11.28
N ARG B 7 6.45 19.30 11.78
CA ARG B 7 5.90 18.63 12.95
C ARG B 7 4.75 17.69 12.57
N GLU B 8 4.57 16.62 13.33
CA GLU B 8 3.41 15.74 13.15
C GLU B 8 2.78 15.37 14.49
N GLN B 9 1.48 15.13 14.46
CA GLN B 9 0.75 14.64 15.64
C GLN B 9 -0.42 13.80 15.16
N THR B 10 -0.91 12.92 16.03
CA THR B 10 -2.06 12.08 15.72
C THR B 10 -3.31 12.61 16.41
N ALA B 11 -4.40 12.67 15.64
CA ALA B 11 -5.71 13.09 16.16
C ALA B 11 -6.67 11.92 16.12
N GLY B 12 -7.61 11.90 17.05
CA GLY B 12 -8.67 10.91 17.06
C GLY B 12 -9.90 11.43 16.34
N ILE B 13 -10.48 10.59 15.48
CA ILE B 13 -11.80 10.82 14.91
C ILE B 13 -12.66 9.56 15.10
N LYS B 14 -12.68 9.08 16.33
CA LYS B 14 -13.30 7.81 16.66
C LYS B 14 -14.79 7.96 16.88
N SER B 15 -15.55 6.97 16.40
CA SER B 15 -16.96 6.85 16.76
C SER B 15 -17.44 5.48 16.28
N ASP B 16 -18.64 5.12 16.69
CA ASP B 16 -19.20 3.82 16.35
C ASP B 16 -19.98 3.81 15.03
N ILE B 17 -19.89 4.86 14.22
CA ILE B 17 -20.46 4.77 12.89
C ILE B 17 -19.76 3.64 12.12
N ALA B 18 -20.49 3.07 11.17
CA ALA B 18 -20.00 1.91 10.42
C ALA B 18 -20.50 1.97 8.99
N ASN B 19 -19.67 1.50 8.06
CA ASN B 19 -20.09 1.24 6.69
C ASN B 19 -20.08 -0.28 6.48
N ALA B 20 -20.21 -0.74 5.25
CA ALA B 20 -20.31 -2.18 5.01
C ALA B 20 -19.02 -2.93 5.33
N PHE B 21 -17.91 -2.22 5.37
CA PHE B 21 -16.60 -2.87 5.52
C PHE B 21 -15.97 -2.73 6.91
N ILE B 22 -16.07 -1.54 7.50
CA ILE B 22 -15.42 -1.24 8.79
C ILE B 22 -16.33 -0.40 9.70
N ASP B 23 -15.99 -0.35 10.99
CA ASP B 23 -16.49 0.72 11.84
C ASP B 23 -15.34 1.66 12.21
N PHE B 24 -15.68 2.81 12.78
CA PHE B 24 -14.73 3.90 12.95
C PHE B 24 -14.29 4.05 14.41
N SER B 25 -14.46 2.98 15.20
CA SER B 25 -14.22 3.04 16.64
C SER B 25 -12.75 3.30 17.00
N GLN B 26 -11.84 3.06 16.06
CA GLN B 26 -10.42 3.25 16.31
C GLN B 26 -9.82 4.33 15.38
N MET B 27 -10.67 5.03 14.63
CA MET B 27 -10.15 5.87 13.55
C MET B 27 -9.38 7.09 14.03
N THR B 28 -8.23 7.30 13.37
CA THR B 28 -7.32 8.41 13.67
C THR B 28 -6.93 9.10 12.36
N CYS B 29 -6.25 10.24 12.45
CA CYS B 29 -5.63 10.86 11.29
C CYS B 29 -4.38 11.61 11.74
N SER B 30 -3.46 11.80 10.82
CA SER B 30 -2.29 12.65 11.06
C SER B 30 -2.60 14.11 10.80
N VAL B 31 -1.99 14.98 11.59
CA VAL B 31 -1.90 16.40 11.27
C VAL B 31 -0.43 16.77 11.19
N VAL B 32 -0.10 17.67 10.26
CA VAL B 32 1.27 18.11 9.98
C VAL B 32 1.36 19.64 9.88
N ALA B 33 2.47 20.19 10.39
CA ALA B 33 2.83 21.59 10.21
C ALA B 33 4.18 21.68 9.51
N VAL B 34 4.22 22.40 8.40
CA VAL B 34 5.46 22.72 7.71
C VAL B 34 5.79 24.17 8.08
N VAL B 35 6.72 24.35 9.01
CA VAL B 35 7.08 25.66 9.51
C VAL B 35 8.17 26.26 8.64
N THR B 36 7.92 27.44 8.08
CA THR B 36 8.93 28.15 7.30
C THR B 36 9.47 29.34 8.10
N ASP B 37 10.45 30.01 7.51
CA ASP B 37 10.96 31.26 8.07
C ASP B 37 10.47 32.50 7.29
N VAL B 38 9.43 32.32 6.48
CA VAL B 38 8.82 33.43 5.76
C VAL B 38 7.79 34.13 6.63
N VAL B 39 7.81 35.46 6.59
CA VAL B 39 6.88 36.26 7.35
C VAL B 39 5.76 36.80 6.47
N ARG B 40 4.51 36.56 6.88
CA ARG B 40 3.35 37.15 6.22
C ARG B 40 2.41 37.66 7.30
N ASP B 41 2.06 38.94 7.22
CA ASP B 41 1.14 39.55 8.17
C ASP B 41 1.63 39.43 9.61
N GLY B 42 2.92 39.62 9.82
CA GLY B 42 3.47 39.71 11.16
C GLY B 42 3.79 38.41 11.85
N LYS B 43 3.53 37.27 11.19
CA LYS B 43 3.82 35.96 11.78
C LYS B 43 4.42 35.00 10.77
N PRO B 44 5.05 33.93 11.25
CA PRO B 44 5.64 32.98 10.31
C PRO B 44 4.57 32.25 9.49
N VAL B 45 4.92 31.96 8.25
CA VAL B 45 4.06 31.14 7.41
C VAL B 45 4.25 29.69 7.82
N ILE B 46 3.15 29.06 8.23
CA ILE B 46 3.16 27.64 8.50
C ILE B 46 2.10 26.97 7.64
N GLY B 47 2.50 25.95 6.89
CA GLY B 47 1.56 25.17 6.11
C GLY B 47 1.01 24.03 6.95
N TYR B 48 -0.27 23.71 6.77
CA TYR B 48 -0.93 22.64 7.51
C TYR B 48 -1.48 21.58 6.59
N GLY B 49 -1.52 20.36 7.11
CA GLY B 49 -2.11 19.25 6.39
C GLY B 49 -2.72 18.22 7.33
N PHE B 50 -3.67 17.45 6.82
CA PHE B 50 -4.21 16.29 7.54
C PHE B 50 -4.67 15.29 6.52
N ASN B 51 -4.76 14.01 6.91
CA ASN B 51 -5.26 13.00 5.98
C ASN B 51 -6.71 12.64 6.23
N SER B 52 -7.40 12.25 5.15
CA SER B 52 -8.81 11.91 5.19
C SER B 52 -9.10 10.72 6.06
N ASN B 53 -10.36 10.62 6.46
CA ASN B 53 -10.87 9.51 7.23
C ASN B 53 -10.69 8.19 6.51
N GLY B 54 -10.55 7.12 7.29
CA GLY B 54 -10.66 5.76 6.79
C GLY B 54 -9.38 4.98 6.71
N ARG B 55 -8.26 5.67 6.55
CA ARG B 55 -6.97 5.00 6.44
C ARG B 55 -6.10 5.05 7.71
N TYR B 56 -6.55 5.77 8.74
CA TYR B 56 -5.83 5.98 10.00
C TYR B 56 -4.66 6.95 9.80
N ALA B 57 -4.06 7.34 10.91
CA ALA B 57 -2.91 8.21 10.91
C ALA B 57 -1.70 7.46 10.33
N ALA B 58 -0.73 8.23 9.85
CA ALA B 58 0.52 7.70 9.31
C ALA B 58 1.72 8.32 10.00
N GLY B 59 1.59 8.54 11.29
CA GLY B 59 2.64 9.16 12.09
C GLY B 59 3.94 8.39 12.15
N GLY B 60 3.86 7.06 12.18
CA GLY B 60 5.05 6.24 12.18
C GLY B 60 5.88 6.51 10.94
N LEU B 61 5.21 6.44 9.79
CA LEU B 61 5.88 6.68 8.52
C LEU B 61 6.46 8.09 8.47
N LEU B 62 5.68 9.06 8.92
CA LEU B 62 6.13 10.46 8.92
C LEU B 62 7.39 10.64 9.76
N ARG B 63 7.38 10.10 10.97
CA ARG B 63 8.50 10.34 11.87
C ARG B 63 9.70 9.45 11.57
N GLU B 64 9.46 8.24 11.08
CA GLU B 64 10.53 7.29 10.86
C GLU B 64 11.27 7.50 9.53
N ARG B 65 10.54 7.85 8.47
CA ARG B 65 11.12 7.94 7.13
C ARG B 65 11.03 9.33 6.50
N PHE B 66 9.82 9.85 6.38
CA PHE B 66 9.63 10.99 5.48
C PHE B 66 10.11 12.33 6.01
N ILE B 67 9.78 12.66 7.27
CA ILE B 67 10.23 13.94 7.81
C ILE B 67 11.78 13.98 7.89
N PRO B 68 12.43 12.93 8.44
CA PRO B 68 13.91 13.01 8.46
C PRO B 68 14.55 13.13 7.07
N ARG B 69 13.95 12.43 6.10
CA ARG B 69 14.51 12.40 4.76
C ARG B 69 14.43 13.77 4.12
N LEU B 70 13.32 14.46 4.34
CA LEU B 70 13.11 15.75 3.75
C LEU B 70 13.95 16.82 4.45
N MET B 71 14.05 16.70 5.78
CA MET B 71 14.79 17.66 6.59
C MET B 71 16.31 17.49 6.53
N SER B 72 16.79 16.41 5.92
CA SER B 72 18.23 16.25 5.75
C SER B 72 18.71 16.79 4.39
N ALA B 73 17.77 17.22 3.56
CA ALA B 73 18.13 17.80 2.27
C ALA B 73 18.72 19.19 2.48
N ALA B 74 19.61 19.60 1.58
CA ALA B 74 20.07 21.00 1.59
C ALA B 74 18.86 21.89 1.40
N PRO B 75 18.73 22.94 2.23
CA PRO B 75 17.50 23.74 2.19
C PRO B 75 17.25 24.40 0.84
N ASP B 76 18.29 24.89 0.17
CA ASP B 76 18.09 25.53 -1.14
C ASP B 76 17.54 24.54 -2.18
N SER B 77 17.72 23.24 -1.95
CA SER B 77 17.30 22.24 -2.93
C SER B 77 15.79 22.05 -2.96
N LEU B 78 15.10 22.66 -2.00
CA LEU B 78 13.65 22.52 -1.91
C LEU B 78 12.91 23.74 -2.44
N LEU B 79 13.65 24.71 -2.96
CA LEU B 79 13.08 25.98 -3.44
C LEU B 79 12.80 25.94 -4.94
N ASP B 80 11.87 26.77 -5.39
CA ASP B 80 11.58 26.84 -6.83
C ASP B 80 12.62 27.71 -7.53
N GLU B 81 12.46 27.84 -8.85
CA GLU B 81 13.47 28.48 -9.70
C GLU B 81 13.62 29.98 -9.43
N THR B 82 12.73 30.56 -8.64
CA THR B 82 12.85 31.97 -8.26
C THR B 82 13.63 32.13 -6.94
N GLY B 83 13.80 31.06 -6.19
CA GLY B 83 14.46 31.15 -4.90
C GLY B 83 13.62 31.75 -3.80
N GLU B 84 12.38 32.12 -4.09
CA GLU B 84 11.53 32.78 -3.08
C GLU B 84 10.20 32.07 -2.79
N ASN B 85 10.09 30.81 -3.16
CA ASN B 85 9.00 29.98 -2.67
C ASN B 85 9.48 28.56 -2.70
N LEU B 86 8.75 27.68 -2.02
CA LEU B 86 9.05 26.25 -2.02
C LEU B 86 8.61 25.63 -3.35
N ASP B 87 9.25 24.52 -3.72
CA ASP B 87 8.93 23.78 -4.92
C ASP B 87 8.35 22.43 -4.51
N PRO B 88 7.02 22.27 -4.58
CA PRO B 88 6.42 21.00 -4.18
C PRO B 88 6.97 19.79 -4.94
N PHE B 89 7.42 20.01 -6.17
CA PHE B 89 7.91 18.91 -7.01
C PHE B 89 9.28 18.43 -6.54
N ARG B 90 10.19 19.35 -6.26
CA ARG B 90 11.49 18.98 -5.70
C ARG B 90 11.30 18.31 -4.33
N ILE B 91 10.36 18.83 -3.55
CA ILE B 91 10.07 18.28 -2.22
C ILE B 91 9.56 16.83 -2.35
N TRP B 92 8.69 16.60 -3.32
CA TRP B 92 8.12 15.26 -3.54
C TRP B 92 9.22 14.29 -3.92
N THR B 93 10.06 14.69 -4.86
CA THR B 93 11.18 13.85 -5.27
C THR B 93 12.05 13.50 -4.08
N ARG B 94 12.37 14.46 -3.22
CA ARG B 94 13.16 14.18 -2.05
C ARG B 94 12.44 13.19 -1.13
N LEU B 95 11.15 13.39 -0.90
CA LEU B 95 10.40 12.54 0.00
C LEU B 95 10.45 11.08 -0.48
N MET B 96 10.42 10.87 -1.79
CA MET B 96 10.26 9.54 -2.35
C MET B 96 11.58 8.90 -2.76
N THR B 97 12.67 9.57 -2.44
CA THR B 97 13.96 8.94 -2.66
C THR B 97 14.13 7.70 -1.78
N ASN B 98 14.69 6.64 -2.38
CA ASN B 98 14.94 5.35 -1.73
C ASN B 98 13.66 4.61 -1.30
N GLU B 99 12.55 4.90 -2.00
CA GLU B 99 11.29 4.16 -1.83
C GLU B 99 11.11 3.26 -3.03
N LYS B 100 10.89 1.96 -2.77
CA LYS B 100 10.68 1.01 -3.86
C LYS B 100 9.28 1.16 -4.45
N PRO B 101 9.12 0.78 -5.72
CA PRO B 101 7.81 0.87 -6.36
C PRO B 101 6.81 -0.18 -5.86
N GLY B 102 5.54 -0.01 -6.21
CA GLY B 102 4.48 -0.84 -5.64
C GLY B 102 4.21 -0.43 -4.22
N GLY B 103 3.26 -1.11 -3.59
CA GLY B 103 3.01 -0.91 -2.17
C GLY B 103 2.41 0.46 -1.82
N HIS B 104 1.43 0.90 -2.60
CA HIS B 104 0.86 2.23 -2.44
C HIS B 104 -0.26 2.23 -1.38
N GLY B 105 0.16 2.28 -0.12
CA GLY B 105 -0.71 2.38 1.03
C GLY B 105 0.14 2.84 2.22
N GLU B 106 -0.52 3.57 3.12
CA GLU B 106 0.07 4.11 4.34
C GLU B 106 1.14 5.19 4.08
N ARG B 107 2.22 4.83 3.40
CA ARG B 107 3.21 5.87 3.03
C ARG B 107 2.58 6.90 2.07
N SER B 108 1.60 6.46 1.27
CA SER B 108 0.85 7.37 0.41
C SER B 108 0.11 8.45 1.20
N VAL B 109 -0.35 8.08 2.39
CA VAL B 109 -1.03 8.98 3.32
C VAL B 109 -0.03 9.94 3.95
N ALA B 110 1.12 9.42 4.41
CA ALA B 110 2.16 10.30 4.96
C ALA B 110 2.58 11.39 3.95
N VAL B 111 2.88 10.98 2.73
CA VAL B 111 3.31 11.92 1.71
C VAL B 111 2.17 12.87 1.31
N GLY B 112 0.96 12.35 1.19
CA GLY B 112 -0.20 13.18 0.91
C GLY B 112 -0.41 14.27 1.95
N THR B 113 -0.12 13.96 3.21
CA THR B 113 -0.34 14.92 4.29
C THR B 113 0.71 16.00 4.26
N ILE B 114 1.97 15.63 4.04
CA ILE B 114 3.02 16.63 3.90
C ILE B 114 2.79 17.51 2.66
N ASP B 115 2.44 16.89 1.54
CA ASP B 115 2.14 17.63 0.33
C ASP B 115 1.05 18.68 0.55
N MET B 116 0.00 18.33 1.29
CA MET B 116 -1.07 19.31 1.57
C MET B 116 -0.47 20.54 2.26
N ALA B 117 0.32 20.31 3.31
CA ALA B 117 0.95 21.39 4.06
C ALA B 117 1.91 22.20 3.20
N VAL B 118 2.62 21.55 2.29
CA VAL B 118 3.54 22.23 1.41
C VAL B 118 2.77 23.18 0.49
N TRP B 119 1.71 22.70 -0.15
CA TRP B 119 0.94 23.58 -1.01
C TRP B 119 0.26 24.72 -0.25
N ASP B 120 -0.19 24.45 0.96
CA ASP B 120 -0.74 25.50 1.81
C ASP B 120 0.31 26.60 2.02
N ALA B 121 1.53 26.20 2.37
CA ALA B 121 2.62 27.16 2.55
C ALA B 121 2.96 27.92 1.28
N VAL B 122 3.00 27.23 0.15
CA VAL B 122 3.34 27.88 -1.12
C VAL B 122 2.32 28.95 -1.46
N ALA B 123 1.04 28.63 -1.32
CA ALA B 123 0.00 29.62 -1.59
C ALA B 123 0.07 30.78 -0.60
N LYS B 124 0.33 30.49 0.68
CA LYS B 124 0.47 31.57 1.67
C LYS B 124 1.65 32.48 1.34
N ILE B 125 2.78 31.91 0.92
CA ILE B 125 3.95 32.72 0.54
C ILE B 125 3.59 33.58 -0.67
N ALA B 126 2.84 33.03 -1.61
CA ALA B 126 2.40 33.76 -2.80
C ALA B 126 1.28 34.76 -2.50
N GLY B 127 0.64 34.62 -1.35
CA GLY B 127 -0.42 35.54 -0.96
C GLY B 127 -1.78 35.32 -1.59
N VAL B 128 -2.08 34.09 -2.01
CA VAL B 128 -3.33 33.82 -2.71
C VAL B 128 -3.97 32.54 -2.19
N PRO B 129 -5.27 32.39 -2.41
CA PRO B 129 -5.90 31.09 -2.14
C PRO B 129 -5.29 30.03 -3.05
N LEU B 130 -5.25 28.78 -2.58
CA LEU B 130 -4.59 27.75 -3.38
C LEU B 130 -5.24 27.56 -4.75
N TYR B 131 -6.57 27.69 -4.84
CA TYR B 131 -7.23 27.48 -6.13
C TYR B 131 -6.69 28.48 -7.14
N ARG B 132 -6.39 29.70 -6.69
CA ARG B 132 -5.89 30.76 -7.56
C ARG B 132 -4.47 30.45 -8.03
N LEU B 133 -3.64 29.99 -7.09
CA LEU B 133 -2.30 29.54 -7.46
C LEU B 133 -2.35 28.46 -8.54
N LEU B 134 -3.24 27.50 -8.36
CA LEU B 134 -3.32 26.37 -9.28
C LEU B 134 -3.88 26.77 -10.63
N ALA B 135 -4.93 27.58 -10.63
CA ALA B 135 -5.51 28.07 -11.87
C ALA B 135 -4.47 28.85 -12.66
N ASP B 136 -3.71 29.71 -11.99
CA ASP B 136 -2.72 30.54 -12.67
C ASP B 136 -1.60 29.69 -13.25
N ARG B 137 -1.13 28.68 -12.51
CA ARG B 137 0.01 27.90 -12.94
C ARG B 137 -0.36 26.83 -13.95
N PHE B 138 -1.58 26.28 -13.87
CA PHE B 138 -1.94 25.11 -14.66
C PHE B 138 -3.13 25.26 -15.61
N ARG B 139 -3.91 26.32 -15.48
CA ARG B 139 -5.12 26.47 -16.29
C ARG B 139 -5.26 27.86 -16.89
N GLY B 140 -4.13 28.53 -17.14
CA GLY B 140 -4.15 29.82 -17.82
C GLY B 140 -4.92 30.89 -17.08
N GLY B 141 -5.02 30.75 -15.75
CA GLY B 141 -5.67 31.73 -14.90
C GLY B 141 -7.16 31.57 -14.79
N VAL B 142 -7.73 30.55 -15.43
CA VAL B 142 -9.16 30.31 -15.36
C VAL B 142 -9.52 29.39 -14.19
N ALA B 143 -10.27 29.90 -13.22
CA ALA B 143 -10.78 29.10 -12.11
C ALA B 143 -12.30 29.02 -12.13
N ASP B 144 -12.84 27.93 -11.63
CA ASP B 144 -14.29 27.84 -11.46
C ASP B 144 -14.72 28.85 -10.40
N ASP B 145 -15.90 29.45 -10.60
CA ASP B 145 -16.47 30.38 -9.62
C ASP B 145 -16.86 29.66 -8.34
N GLY B 146 -17.17 28.38 -8.45
CA GLY B 146 -17.62 27.58 -7.32
C GLY B 146 -17.53 26.10 -7.65
N VAL B 147 -17.83 25.26 -6.67
CA VAL B 147 -17.62 23.82 -6.77
C VAL B 147 -18.91 23.08 -6.40
N TRP B 148 -19.24 22.08 -7.21
CA TRP B 148 -20.34 21.20 -6.92
C TRP B 148 -19.98 20.31 -5.74
N VAL B 149 -20.86 20.26 -4.76
CA VAL B 149 -20.65 19.44 -3.55
C VAL B 149 -21.90 18.65 -3.19
N TYR B 150 -21.71 17.45 -2.63
CA TYR B 150 -22.79 16.62 -2.13
C TYR B 150 -22.48 16.26 -0.69
N ALA B 151 -23.51 15.92 0.06
CA ALA B 151 -23.38 15.66 1.50
C ALA B 151 -23.35 14.15 1.73
N ALA B 152 -22.24 13.67 2.27
CA ALA B 152 -22.04 12.25 2.54
C ALA B 152 -22.24 11.92 4.01
N GLY B 153 -23.12 10.93 4.26
CA GLY B 153 -23.31 10.38 5.58
C GLY B 153 -24.05 9.06 5.44
N GLY B 154 -25.18 8.95 6.13
CA GLY B 154 -25.99 7.74 6.07
C GLY B 154 -25.25 6.49 6.50
N TYR B 155 -24.44 6.61 7.55
CA TYR B 155 -23.72 5.49 8.13
C TYR B 155 -24.69 4.66 8.96
N TYR B 156 -24.34 3.39 9.17
CA TYR B 156 -25.02 2.57 10.16
C TYR B 156 -24.50 2.98 11.53
N TYR B 157 -25.34 2.85 12.56
CA TYR B 157 -24.95 3.22 13.91
C TYR B 157 -25.90 2.50 14.87
N PRO B 158 -25.40 2.05 16.03
CA PRO B 158 -26.28 1.34 16.96
C PRO B 158 -27.51 2.17 17.36
N GLY B 159 -28.69 1.59 17.21
CA GLY B 159 -29.92 2.30 17.53
C GLY B 159 -30.43 3.27 16.47
N LYS B 160 -29.67 3.48 15.40
CA LYS B 160 -30.08 4.39 14.34
C LYS B 160 -31.06 3.74 13.38
N ASP B 161 -32.23 4.36 13.26
CA ASP B 161 -33.31 3.79 12.45
C ASP B 161 -33.66 4.75 11.32
N VAL B 162 -34.67 4.40 10.54
CA VAL B 162 -35.02 5.21 9.37
C VAL B 162 -35.42 6.64 9.74
N LYS B 163 -36.07 6.86 10.88
CA LYS B 163 -36.43 8.21 11.28
C LYS B 163 -35.17 9.04 11.51
N ALA B 164 -34.18 8.46 12.19
CA ALA B 164 -32.93 9.18 12.42
C ALA B 164 -32.18 9.44 11.12
N LEU B 165 -32.23 8.48 10.21
CA LEU B 165 -31.59 8.66 8.91
C LEU B 165 -32.26 9.78 8.11
N GLN B 166 -33.58 9.82 8.15
CA GLN B 166 -34.31 10.91 7.51
C GLN B 166 -33.95 12.25 8.13
N ASP B 167 -33.85 12.32 9.45
CA ASP B 167 -33.52 13.57 10.11
C ASP B 167 -32.13 14.05 9.70
N GLU B 168 -31.21 13.10 9.59
CA GLU B 168 -29.86 13.41 9.14
C GLU B 168 -29.91 14.03 7.75
N MET B 169 -30.57 13.36 6.80
CA MET B 169 -30.54 13.83 5.42
C MET B 169 -31.27 15.17 5.25
N ARG B 170 -32.32 15.38 6.02
CA ARG B 170 -33.06 16.62 5.99
C ARG B 170 -32.14 17.75 6.45
N SER B 171 -31.31 17.47 7.44
CA SER B 171 -30.39 18.47 7.94
C SER B 171 -29.32 18.84 6.92
N TYR B 172 -28.96 17.91 6.05
CA TYR B 172 -28.02 18.22 4.96
C TYR B 172 -28.68 19.10 3.90
N ARG B 173 -29.89 18.72 3.52
CA ARG B 173 -30.68 19.54 2.59
C ARG B 173 -30.92 20.94 3.13
N ASP B 174 -31.20 21.07 4.41
CA ASP B 174 -31.42 22.38 5.04
C ASP B 174 -30.16 23.22 5.05
N ARG B 175 -29.01 22.58 4.96
CA ARG B 175 -27.73 23.27 4.89
C ARG B 175 -27.27 23.55 3.45
N GLY B 176 -28.14 23.35 2.47
CA GLY B 176 -27.86 23.75 1.10
C GLY B 176 -27.47 22.67 0.12
N TYR B 177 -27.28 21.45 0.61
CA TYR B 177 -26.90 20.36 -0.28
C TYR B 177 -28.14 19.85 -0.97
N ARG B 178 -28.05 19.51 -2.25
CA ARG B 178 -29.18 18.90 -2.97
C ARG B 178 -29.06 17.37 -2.99
N VAL B 179 -27.86 16.88 -3.33
CA VAL B 179 -27.55 15.45 -3.44
C VAL B 179 -26.92 15.01 -2.15
N VAL B 180 -27.38 13.86 -1.66
CA VAL B 180 -26.79 13.23 -0.47
C VAL B 180 -26.32 11.81 -0.79
N LYS B 181 -25.45 11.28 0.06
CA LYS B 181 -24.95 9.91 -0.09
C LYS B 181 -25.14 9.15 1.22
N MET B 182 -25.50 7.86 1.08
CA MET B 182 -25.68 6.98 2.22
C MET B 182 -24.91 5.68 2.01
N LYS B 183 -24.67 4.95 3.10
CA LYS B 183 -24.05 3.64 3.04
C LYS B 183 -25.07 2.54 2.80
N ILE B 184 -24.64 1.55 2.04
CA ILE B 184 -25.39 0.31 1.87
C ILE B 184 -24.43 -0.88 2.04
N GLY B 185 -24.99 -2.09 2.11
CA GLY B 185 -24.19 -3.29 2.21
C GLY B 185 -23.88 -3.75 3.62
N GLY B 186 -24.33 -3.03 4.62
CA GLY B 186 -24.12 -3.42 6.00
C GLY B 186 -25.37 -3.93 6.69
N ALA B 187 -26.37 -4.29 5.88
CA ALA B 187 -27.63 -4.84 6.36
C ALA B 187 -28.21 -5.67 5.22
N PRO B 188 -29.14 -6.57 5.54
CA PRO B 188 -29.81 -7.31 4.47
C PRO B 188 -30.40 -6.38 3.42
N LEU B 189 -30.45 -6.88 2.19
CA LEU B 189 -30.95 -6.10 1.05
C LEU B 189 -32.28 -5.42 1.37
N ALA B 190 -33.26 -6.14 1.93
CA ALA B 190 -34.57 -5.52 2.16
C ALA B 190 -34.49 -4.38 3.16
N GLU B 191 -33.58 -4.47 4.13
CA GLU B 191 -33.44 -3.43 5.12
C GLU B 191 -32.78 -2.22 4.46
N ASP B 192 -31.81 -2.42 3.57
CA ASP B 192 -31.19 -1.33 2.85
C ASP B 192 -32.20 -0.67 1.91
N LEU B 193 -33.06 -1.44 1.25
CA LEU B 193 -34.06 -0.82 0.40
C LEU B 193 -35.04 0.04 1.20
N ARG B 194 -35.40 -0.41 2.40
CA ARG B 194 -36.26 0.41 3.23
C ARG B 194 -35.57 1.70 3.67
N ARG B 195 -34.27 1.64 3.95
CA ARG B 195 -33.48 2.84 4.23
C ARG B 195 -33.45 3.80 3.04
N ILE B 196 -33.25 3.26 1.83
CA ILE B 196 -33.25 4.07 0.62
C ILE B 196 -34.64 4.73 0.43
N ASP B 197 -35.69 3.94 0.60
CA ASP B 197 -37.06 4.45 0.49
C ASP B 197 -37.25 5.63 1.43
N ALA B 198 -36.75 5.50 2.66
CA ALA B 198 -36.94 6.53 3.67
C ALA B 198 -36.21 7.82 3.27
N VAL B 199 -35.03 7.68 2.70
CA VAL B 199 -34.26 8.87 2.33
C VAL B 199 -34.90 9.57 1.15
N LEU B 200 -35.40 8.80 0.20
CA LEU B 200 -36.07 9.38 -0.96
C LEU B 200 -37.33 10.18 -0.58
N GLU B 201 -37.98 9.82 0.53
CA GLU B 201 -39.12 10.61 1.01
C GLU B 201 -38.65 12.02 1.34
N VAL B 202 -37.40 12.15 1.77
CA VAL B 202 -36.81 13.44 2.06
C VAL B 202 -36.29 14.18 0.82
N VAL B 203 -35.50 13.51 -0.03
CA VAL B 203 -34.78 14.21 -1.07
C VAL B 203 -35.47 14.17 -2.43
N GLY B 204 -36.52 13.38 -2.58
CA GLY B 204 -37.30 13.36 -3.82
C GLY B 204 -36.77 12.38 -4.85
N SER B 205 -36.23 12.92 -5.94
CA SER B 205 -35.73 12.13 -7.05
C SER B 205 -34.49 11.30 -6.68
N GLY B 206 -34.37 10.11 -7.28
CA GLY B 206 -33.12 9.35 -7.25
C GLY B 206 -31.92 10.17 -7.69
N ASP B 207 -32.17 11.19 -8.51
CA ASP B 207 -31.12 12.10 -8.94
C ASP B 207 -30.40 12.71 -7.73
N ASN B 208 -31.08 12.76 -6.58
CA ASN B 208 -30.51 13.37 -5.37
C ASN B 208 -29.90 12.39 -4.35
N LEU B 209 -29.71 11.14 -4.75
CA LEU B 209 -29.23 10.10 -3.84
C LEU B 209 -28.14 9.24 -4.46
N CYS B 210 -27.03 9.15 -3.74
CA CYS B 210 -25.95 8.21 -4.06
C CYS B 210 -25.93 7.13 -2.98
N VAL B 211 -25.49 5.93 -3.36
CA VAL B 211 -25.28 4.84 -2.40
C VAL B 211 -23.88 4.28 -2.52
N ASP B 212 -23.33 3.87 -1.39
CA ASP B 212 -21.91 3.47 -1.30
C ASP B 212 -21.81 2.13 -0.57
N ALA B 213 -21.32 1.10 -1.27
CA ALA B 213 -21.13 -0.23 -0.69
C ALA B 213 -19.76 -0.45 -0.07
N ASN B 214 -18.85 0.51 -0.22
CA ASN B 214 -17.53 0.46 0.42
C ASN B 214 -16.70 -0.78 0.08
N GLY B 215 -16.89 -1.28 -1.12
CA GLY B 215 -16.05 -2.33 -1.66
C GLY B 215 -16.35 -3.71 -1.11
N ARG B 216 -17.51 -3.87 -0.48
CA ARG B 216 -17.81 -5.10 0.27
C ARG B 216 -18.37 -6.26 -0.58
N PHE B 217 -18.91 -6.01 -1.76
CA PHE B 217 -19.68 -7.04 -2.46
C PHE B 217 -18.83 -7.93 -3.39
N ASP B 218 -19.13 -9.23 -3.37
CA ASP B 218 -18.68 -10.10 -4.46
C ASP B 218 -19.54 -9.83 -5.70
N ILE B 219 -19.19 -10.42 -6.83
CA ILE B 219 -19.89 -10.08 -8.06
C ILE B 219 -21.40 -10.42 -8.00
N ASP B 220 -21.76 -11.55 -7.42
CA ASP B 220 -23.18 -11.91 -7.39
C ASP B 220 -23.97 -10.92 -6.55
N THR B 221 -23.43 -10.52 -5.41
CA THR B 221 -24.13 -9.57 -4.55
C THR B 221 -24.16 -8.19 -5.22
N ALA B 222 -23.08 -7.82 -5.91
CA ALA B 222 -23.01 -6.52 -6.59
C ALA B 222 -24.06 -6.42 -7.67
N ILE B 223 -24.23 -7.48 -8.45
CA ILE B 223 -25.26 -7.53 -9.48
C ILE B 223 -26.67 -7.55 -8.87
N ALA B 224 -26.88 -8.34 -7.82
CA ALA B 224 -28.19 -8.39 -7.16
C ALA B 224 -28.60 -7.03 -6.60
N TYR B 225 -27.67 -6.35 -5.92
CA TYR B 225 -27.97 -4.98 -5.47
C TYR B 225 -28.25 -4.07 -6.67
N GLY B 226 -27.43 -4.16 -7.70
CA GLY B 226 -27.65 -3.38 -8.90
C GLY B 226 -29.06 -3.53 -9.46
N GLU B 227 -29.55 -4.76 -9.54
CA GLU B 227 -30.86 -4.98 -10.14
C GLU B 227 -31.93 -4.34 -9.25
N ALA B 228 -31.76 -4.46 -7.94
CA ALA B 228 -32.70 -3.88 -6.98
C ALA B 228 -32.65 -2.37 -6.99
N LEU B 229 -31.48 -1.80 -7.30
CA LEU B 229 -31.31 -0.35 -7.27
C LEU B 229 -31.77 0.35 -8.55
N LYS B 230 -31.78 -0.36 -9.66
CA LYS B 230 -32.14 0.23 -10.96
C LYS B 230 -33.41 1.05 -10.97
N PRO B 231 -34.51 0.54 -10.39
CA PRO B 231 -35.75 1.29 -10.51
C PRO B 231 -35.72 2.64 -9.82
N TYR B 232 -34.77 2.84 -8.90
CA TYR B 232 -34.70 4.08 -8.15
C TYR B 232 -34.02 5.20 -8.94
N GLY B 233 -33.30 4.85 -10.00
CA GLY B 233 -32.61 5.86 -10.80
C GLY B 233 -31.64 6.71 -10.00
N LEU B 234 -30.77 6.07 -9.24
CA LEU B 234 -29.88 6.77 -8.32
C LEU B 234 -28.76 7.50 -9.07
N PHE B 235 -28.30 8.59 -8.48
CA PHE B 235 -27.25 9.38 -9.09
C PHE B 235 -25.97 8.57 -9.32
N TRP B 236 -25.54 7.79 -8.33
CA TRP B 236 -24.52 6.80 -8.58
C TRP B 236 -24.54 5.67 -7.53
N TYR B 237 -23.94 4.55 -7.94
CA TYR B 237 -23.74 3.33 -7.14
C TYR B 237 -22.23 3.19 -6.99
N GLU B 238 -21.76 3.41 -5.76
CA GLU B 238 -20.35 3.59 -5.49
C GLU B 238 -19.68 2.35 -4.88
N GLU B 239 -18.49 2.03 -5.41
CA GLU B 239 -17.58 1.02 -4.87
C GLU B 239 -18.29 -0.28 -4.51
N ALA B 240 -18.92 -0.88 -5.50
CA ALA B 240 -19.67 -2.10 -5.26
C ALA B 240 -18.75 -3.20 -4.74
N GLY B 241 -17.64 -3.41 -5.45
CA GLY B 241 -16.71 -4.47 -5.15
C GLY B 241 -15.34 -3.98 -4.72
N ASP B 242 -14.45 -4.93 -4.46
CA ASP B 242 -13.11 -4.63 -3.99
C ASP B 242 -12.49 -3.58 -4.92
N PRO B 243 -11.87 -2.53 -4.35
CA PRO B 243 -11.36 -1.44 -5.19
C PRO B 243 -10.35 -1.88 -6.22
N LEU B 244 -9.64 -2.97 -5.97
CA LEU B 244 -8.63 -3.47 -6.89
C LEU B 244 -9.14 -4.56 -7.87
N ASP B 245 -10.38 -5.03 -7.66
CA ASP B 245 -10.89 -6.10 -8.52
C ASP B 245 -11.50 -5.50 -9.79
N TYR B 246 -10.63 -5.08 -10.70
CA TYR B 246 -11.03 -4.34 -11.89
C TYR B 246 -11.98 -5.17 -12.77
N ALA B 247 -11.69 -6.46 -12.91
CA ALA B 247 -12.55 -7.33 -13.71
C ALA B 247 -13.97 -7.41 -13.14
N LEU B 248 -14.09 -7.35 -11.82
CA LEU B 248 -15.43 -7.37 -11.20
C LEU B 248 -16.23 -6.13 -11.59
N GLN B 249 -15.64 -4.94 -11.51
CA GLN B 249 -16.34 -3.72 -11.93
C GLN B 249 -16.70 -3.82 -13.44
N ALA B 250 -15.82 -4.35 -14.27
CA ALA B 250 -16.11 -4.48 -15.70
C ALA B 250 -17.28 -5.44 -15.94
N GLU B 251 -17.37 -6.52 -15.19
CA GLU B 251 -18.52 -7.41 -15.31
C GLU B 251 -19.78 -6.73 -14.82
N LEU B 252 -19.69 -6.01 -13.70
CA LEU B 252 -20.85 -5.33 -13.15
C LEU B 252 -21.41 -4.32 -14.15
N ALA B 253 -20.55 -3.63 -14.88
CA ALA B 253 -21.00 -2.63 -15.85
C ALA B 253 -21.83 -3.28 -16.96
N LYS B 254 -21.67 -4.58 -17.19
CA LYS B 254 -22.49 -5.26 -18.19
C LYS B 254 -23.94 -5.43 -17.72
N HIS B 255 -24.17 -5.32 -16.42
CA HIS B 255 -25.48 -5.56 -15.83
C HIS B 255 -26.15 -4.33 -15.25
N TYR B 256 -25.37 -3.28 -15.03
CA TYR B 256 -25.89 -2.07 -14.40
C TYR B 256 -25.50 -0.89 -15.27
N ASP B 257 -26.47 -0.41 -16.04
CA ASP B 257 -26.22 0.61 -17.07
C ASP B 257 -26.33 2.06 -16.58
N ARG B 258 -26.63 2.24 -15.29
CA ARG B 258 -26.66 3.55 -14.66
C ARG B 258 -25.30 3.92 -14.05
N PRO B 259 -25.12 5.19 -13.65
CA PRO B 259 -23.79 5.62 -13.22
C PRO B 259 -23.22 4.92 -12.00
N MET B 260 -21.94 4.61 -12.08
CA MET B 260 -21.18 4.05 -10.97
C MET B 260 -19.97 4.91 -10.66
N ALA B 261 -19.45 4.77 -9.44
CA ALA B 261 -18.33 5.56 -8.97
C ALA B 261 -17.38 4.68 -8.21
N THR B 262 -16.08 4.91 -8.37
CA THR B 262 -15.12 4.22 -7.52
C THR B 262 -13.78 4.98 -7.53
N GLY B 263 -12.85 4.53 -6.70
CA GLY B 263 -11.48 4.99 -6.77
C GLY B 263 -10.93 5.60 -5.49
N GLU B 264 -11.75 5.86 -4.47
CA GLU B 264 -11.22 6.44 -3.23
C GLU B 264 -10.09 5.63 -2.61
N ASN B 265 -10.05 4.33 -2.87
CA ASN B 265 -9.08 3.44 -2.24
C ASN B 265 -7.97 3.05 -3.20
N LEU B 266 -7.77 3.82 -4.27
CA LEU B 266 -6.61 3.70 -5.15
C LEU B 266 -5.71 4.90 -4.90
N PHE B 267 -4.45 4.65 -4.55
CA PHE B 267 -3.61 5.68 -3.92
C PHE B 267 -2.36 6.05 -4.75
N SER B 268 -2.41 5.80 -6.06
CA SER B 268 -1.32 6.19 -6.97
C SER B 268 -1.85 6.35 -8.38
N HIS B 269 -1.10 7.06 -9.21
CA HIS B 269 -1.51 7.14 -10.63
C HIS B 269 -1.43 5.76 -11.30
N GLN B 270 -0.52 4.89 -10.84
CA GLN B 270 -0.41 3.55 -11.42
C GLN B 270 -1.69 2.76 -11.16
N ASP B 271 -2.18 2.81 -9.93
CA ASP B 271 -3.41 2.09 -9.56
C ASP B 271 -4.62 2.73 -10.27
N ALA B 272 -4.67 4.06 -10.35
CA ALA B 272 -5.73 4.74 -11.08
C ALA B 272 -5.70 4.33 -12.56
N ARG B 273 -4.51 4.26 -13.16
CA ARG B 273 -4.38 3.87 -14.56
C ARG B 273 -4.88 2.44 -14.77
N ASN B 274 -4.59 1.54 -13.85
CA ASN B 274 -5.11 0.19 -13.97
C ASN B 274 -6.64 0.13 -13.92
N LEU B 275 -7.26 0.99 -13.12
CA LEU B 275 -8.72 1.10 -13.12
C LEU B 275 -9.23 1.54 -14.49
N ILE B 276 -8.58 2.55 -15.05
CA ILE B 276 -8.96 3.07 -16.37
C ILE B 276 -8.77 2.04 -17.48
N ARG B 277 -7.71 1.25 -17.40
CA ARG B 277 -7.43 0.25 -18.43
C ARG B 277 -8.30 -0.96 -18.34
N HIS B 278 -8.57 -1.41 -17.11
CA HIS B 278 -9.06 -2.77 -16.87
C HIS B 278 -10.41 -2.84 -16.15
N GLY B 279 -10.92 -1.72 -15.66
CA GLY B 279 -12.14 -1.72 -14.84
C GLY B 279 -13.48 -1.49 -15.52
N GLY B 280 -13.49 -1.30 -16.83
CA GLY B 280 -14.71 -1.03 -17.57
C GLY B 280 -15.49 0.19 -17.10
N MET B 281 -14.79 1.19 -16.61
CA MET B 281 -15.42 2.47 -16.27
C MET B 281 -15.73 3.21 -17.57
N ARG B 282 -16.82 3.95 -17.54
CA ARG B 282 -17.40 4.54 -18.73
C ARG B 282 -17.30 6.06 -18.68
N PRO B 283 -16.48 6.66 -19.56
CA PRO B 283 -16.15 8.08 -19.40
C PRO B 283 -17.32 9.04 -19.51
N ASP B 284 -18.42 8.64 -20.16
CA ASP B 284 -19.59 9.50 -20.31
C ASP B 284 -20.57 9.47 -19.13
N ARG B 285 -20.40 8.54 -18.20
CA ARG B 285 -21.41 8.41 -17.13
C ARG B 285 -20.89 8.05 -15.74
N ASP B 286 -19.67 7.53 -15.65
CA ASP B 286 -19.14 7.12 -14.36
C ASP B 286 -18.27 8.20 -13.72
N TRP B 287 -17.87 7.96 -12.49
CA TRP B 287 -17.23 8.96 -11.63
C TRP B 287 -16.02 8.34 -10.93
N LEU B 288 -14.97 9.15 -10.79
CA LEU B 288 -13.70 8.74 -10.21
C LEU B 288 -13.44 9.52 -8.93
N GLN B 289 -12.95 8.85 -7.89
CA GLN B 289 -13.01 9.44 -6.55
C GLN B 289 -11.70 9.51 -5.82
N PHE B 290 -10.61 9.51 -6.60
CA PHE B 290 -9.26 9.60 -6.07
C PHE B 290 -9.12 10.75 -5.09
N ASP B 291 -8.40 10.54 -3.99
CA ASP B 291 -8.21 11.49 -2.90
C ASP B 291 -6.72 11.84 -2.74
N CYS B 292 -6.33 13.06 -3.07
CA CYS B 292 -4.90 13.40 -3.06
C CYS B 292 -4.27 13.25 -1.68
N ALA B 293 -5.03 13.44 -0.61
CA ALA B 293 -4.48 13.42 0.74
C ALA B 293 -4.01 12.01 1.13
N LEU B 294 -4.58 11.00 0.46
CA LEU B 294 -4.26 9.60 0.72
C LEU B 294 -3.34 9.01 -0.33
N SER B 295 -2.98 9.82 -1.33
CA SER B 295 -2.42 9.31 -2.58
C SER B 295 -1.13 10.01 -3.00
N TYR B 296 -0.29 10.37 -2.02
CA TYR B 296 0.98 11.08 -2.27
C TYR B 296 0.78 12.51 -2.75
N GLY B 297 -0.40 13.07 -2.56
CA GLY B 297 -0.57 14.50 -2.72
C GLY B 297 -0.84 14.99 -4.10
N LEU B 298 -0.95 16.32 -4.21
CA LEU B 298 -1.26 16.98 -5.48
C LEU B 298 -0.20 16.78 -6.54
N VAL B 299 1.06 16.65 -6.15
CA VAL B 299 2.08 16.39 -7.14
C VAL B 299 1.77 15.08 -7.88
N GLU B 300 1.38 14.05 -7.12
CA GLU B 300 1.00 12.78 -7.72
C GLU B 300 -0.35 12.92 -8.46
N TYR B 301 -1.26 13.72 -7.92
CA TYR B 301 -2.60 13.88 -8.50
C TYR B 301 -2.51 14.47 -9.91
N LEU B 302 -1.53 15.34 -10.14
CA LEU B 302 -1.33 15.92 -11.48
C LEU B 302 -0.94 14.83 -12.49
N ARG B 303 -0.15 13.84 -12.07
CA ARG B 303 0.17 12.70 -12.93
C ARG B 303 -1.09 11.90 -13.23
N THR B 304 -1.92 11.68 -12.23
CA THR B 304 -3.20 11.01 -12.41
C THR B 304 -4.10 11.78 -13.40
N LEU B 305 -4.21 13.09 -13.23
CA LEU B 305 -5.00 13.91 -14.15
C LEU B 305 -4.42 13.87 -15.58
N ASP B 306 -3.10 13.89 -15.72
CA ASP B 306 -2.50 13.77 -17.05
C ASP B 306 -2.85 12.42 -17.69
N MET B 307 -2.76 11.36 -16.89
CA MET B 307 -3.13 10.03 -17.35
C MET B 307 -4.58 9.97 -17.80
N LEU B 308 -5.49 10.60 -17.04
CA LEU B 308 -6.89 10.59 -17.42
C LEU B 308 -7.06 11.26 -18.78
N LYS B 309 -6.41 12.39 -19.01
CA LYS B 309 -6.58 13.10 -20.27
C LYS B 309 -6.07 12.24 -21.44
N GLU B 310 -4.95 11.55 -21.24
CA GLU B 310 -4.33 10.71 -22.25
C GLU B 310 -5.20 9.49 -22.55
N ASN B 311 -6.03 9.10 -21.60
CA ASN B 311 -6.91 7.96 -21.78
C ASN B 311 -8.37 8.33 -22.01
N GLY B 312 -8.61 9.57 -22.45
CA GLY B 312 -9.92 9.99 -22.91
C GLY B 312 -10.93 10.28 -21.83
N TRP B 313 -10.47 10.59 -20.62
CA TRP B 313 -11.35 10.95 -19.52
C TRP B 313 -11.23 12.44 -19.21
N SER B 314 -12.34 13.10 -18.94
CA SER B 314 -12.35 14.48 -18.49
C SER B 314 -12.14 14.60 -16.99
N SER B 315 -11.43 15.63 -16.57
CA SER B 315 -11.27 15.94 -15.17
C SER B 315 -12.64 16.20 -14.50
N ARG B 316 -13.63 16.56 -15.30
CA ARG B 316 -14.97 16.81 -14.77
C ARG B 316 -15.65 15.53 -14.26
N ARG B 317 -15.04 14.36 -14.51
CA ARG B 317 -15.57 13.10 -13.98
C ARG B 317 -14.99 12.78 -12.62
N VAL B 318 -14.07 13.61 -12.13
CA VAL B 318 -13.38 13.39 -10.85
C VAL B 318 -14.06 14.17 -9.72
N VAL B 319 -14.50 13.45 -8.68
CA VAL B 319 -15.11 14.06 -7.49
C VAL B 319 -14.45 13.40 -6.29
N PRO B 320 -13.45 14.06 -5.70
CA PRO B 320 -12.63 13.38 -4.68
C PRO B 320 -13.39 13.00 -3.40
N HIS B 321 -13.06 11.81 -2.91
CA HIS B 321 -13.33 11.41 -1.53
C HIS B 321 -12.61 12.37 -0.58
N GLY B 322 -13.18 12.56 0.61
CA GLY B 322 -12.43 13.09 1.75
C GLY B 322 -12.97 14.34 2.44
N GLY B 323 -13.79 15.11 1.72
CA GLY B 323 -14.48 16.27 2.25
C GLY B 323 -13.61 17.48 2.59
N HIS B 324 -12.38 17.54 2.09
CA HIS B 324 -11.43 18.54 2.57
C HIS B 324 -11.24 19.74 1.65
N GLN B 325 -10.73 20.81 2.25
CA GLN B 325 -10.51 22.05 1.52
C GLN B 325 -9.40 21.92 0.49
N MET B 326 -8.44 21.04 0.72
CA MET B 326 -7.40 20.79 -0.29
C MET B 326 -8.07 20.38 -1.61
N SER B 327 -8.91 19.36 -1.58
CA SER B 327 -9.65 18.95 -2.79
C SER B 327 -10.52 20.08 -3.33
N LEU B 328 -11.15 20.85 -2.43
CA LEU B 328 -12.01 21.94 -2.88
C LEU B 328 -11.22 22.92 -3.74
N ASN B 329 -10.01 23.25 -3.30
CA ASN B 329 -9.14 24.13 -4.10
C ASN B 329 -8.70 23.51 -5.42
N ILE B 330 -8.35 22.23 -5.38
CA ILE B 330 -8.01 21.53 -6.59
C ILE B 330 -9.20 21.49 -7.56
N ALA B 331 -10.40 21.26 -7.03
CA ALA B 331 -11.57 21.23 -7.91
C ALA B 331 -11.74 22.53 -8.70
N ALA B 332 -11.67 23.68 -8.03
CA ALA B 332 -11.89 24.93 -8.72
C ALA B 332 -10.71 25.37 -9.55
N GLY B 333 -9.50 25.03 -9.11
CA GLY B 333 -8.29 25.46 -9.76
C GLY B 333 -7.89 24.61 -10.94
N LEU B 334 -8.18 23.31 -10.87
CA LEU B 334 -7.82 22.37 -11.94
C LEU B 334 -9.00 21.82 -12.73
N HIS B 335 -10.21 22.19 -12.31
CA HIS B 335 -11.46 21.89 -13.01
C HIS B 335 -11.93 20.44 -12.83
N LEU B 336 -12.07 20.03 -11.58
CA LEU B 336 -12.66 18.72 -11.30
C LEU B 336 -14.19 18.82 -11.33
N GLY B 337 -14.85 17.69 -11.17
CA GLY B 337 -16.30 17.66 -11.21
C GLY B 337 -16.98 18.14 -9.96
N GLY B 338 -16.27 18.18 -8.84
CA GLY B 338 -16.87 18.57 -7.57
C GLY B 338 -16.05 18.05 -6.42
N ASN B 339 -16.63 18.02 -5.23
CA ASN B 339 -15.96 17.47 -4.05
C ASN B 339 -16.99 16.88 -3.10
N GLU B 340 -16.65 15.77 -2.47
CA GLU B 340 -17.45 15.22 -1.40
C GLU B 340 -17.42 16.19 -0.22
N SER B 341 -18.50 16.24 0.56
CA SER B 341 -18.51 17.00 1.81
C SER B 341 -19.11 16.17 2.93
N TYR B 342 -18.58 16.36 4.14
CA TYR B 342 -19.14 15.74 5.34
C TYR B 342 -19.70 16.82 6.29
N PRO B 343 -21.03 16.98 6.36
CA PRO B 343 -21.53 18.00 7.29
C PRO B 343 -21.55 17.57 8.76
N ASP B 344 -21.61 16.27 9.03
CA ASP B 344 -21.72 15.74 10.40
C ASP B 344 -20.45 15.00 10.86
N VAL B 345 -19.95 14.09 10.04
CA VAL B 345 -18.98 13.10 10.52
C VAL B 345 -17.53 13.63 10.49
N PHE B 346 -16.72 13.06 11.39
CA PHE B 346 -15.27 13.28 11.50
C PHE B 346 -14.90 14.67 11.99
N LYS B 347 -15.77 15.27 12.79
CA LYS B 347 -15.48 16.60 13.34
C LYS B 347 -14.20 16.60 14.15
N PRO B 348 -13.40 17.66 14.03
CA PRO B 348 -13.60 18.88 13.23
C PRO B 348 -13.01 18.81 11.82
N PHE B 349 -12.57 17.63 11.39
CA PHE B 349 -11.91 17.42 10.11
C PHE B 349 -12.93 17.23 8.99
N CYS B 350 -13.78 18.24 8.85
CA CYS B 350 -14.88 18.20 7.91
C CYS B 350 -15.39 19.61 7.70
N GLY B 351 -16.13 19.79 6.61
CA GLY B 351 -16.66 21.09 6.27
C GLY B 351 -15.65 21.96 5.55
N PHE B 352 -16.14 23.09 5.05
CA PHE B 352 -15.29 24.09 4.40
C PHE B 352 -15.32 25.35 5.26
N ALA B 353 -14.96 26.49 4.69
CA ALA B 353 -14.83 27.73 5.45
C ALA B 353 -16.08 28.09 6.25
N ASP B 354 -15.90 28.54 7.49
CA ASP B 354 -16.99 29.07 8.29
C ASP B 354 -17.64 30.23 7.53
N GLY B 355 -18.97 30.31 7.59
CA GLY B 355 -19.67 31.51 7.14
C GLY B 355 -19.87 31.61 5.65
N ILE B 356 -19.51 30.57 4.92
CA ILE B 356 -19.75 30.54 3.48
C ILE B 356 -20.67 29.37 3.22
N ALA B 357 -21.92 29.69 2.94
CA ALA B 357 -22.96 28.67 2.86
C ALA B 357 -22.94 27.91 1.55
N VAL B 358 -23.25 26.63 1.58
CA VAL B 358 -23.54 25.88 0.38
C VAL B 358 -24.93 26.30 -0.11
N GLU B 359 -25.07 26.55 -1.41
CA GLU B 359 -26.34 27.00 -1.98
C GLU B 359 -26.70 26.11 -3.16
N ASP B 360 -27.80 25.38 -3.02
CA ASP B 360 -28.23 24.37 -3.98
C ASP B 360 -27.06 23.61 -4.61
N GLY B 361 -26.27 23.01 -3.74
CA GLY B 361 -25.24 22.09 -4.14
C GLY B 361 -23.96 22.69 -4.64
N ARG B 362 -23.79 24.00 -4.50
CA ARG B 362 -22.56 24.65 -4.94
C ARG B 362 -22.02 25.54 -3.83
N VAL B 363 -20.70 25.56 -3.67
CA VAL B 363 -20.06 26.39 -2.67
C VAL B 363 -18.94 27.19 -3.32
N ARG B 364 -18.79 28.44 -2.89
CA ARG B 364 -17.68 29.25 -3.35
C ARG B 364 -16.50 29.09 -2.39
N LEU B 365 -15.31 29.50 -2.83
CA LEU B 365 -14.11 29.42 -2.03
C LEU B 365 -13.71 30.80 -1.51
N PRO B 366 -13.19 30.87 -0.28
CA PRO B 366 -12.81 32.16 0.28
C PRO B 366 -11.57 32.76 -0.38
N ASP B 367 -11.58 34.06 -0.56
CA ASP B 367 -10.41 34.79 -1.05
C ASP B 367 -9.50 35.07 0.15
N LEU B 368 -8.87 33.98 0.61
CA LEU B 368 -7.96 34.01 1.75
C LEU B 368 -6.74 33.18 1.36
N PRO B 369 -5.55 33.54 1.84
CA PRO B 369 -4.37 32.78 1.42
C PRO B 369 -4.37 31.32 1.88
N GLY B 370 -3.76 30.47 1.06
CA GLY B 370 -3.58 29.07 1.42
C GLY B 370 -4.77 28.18 1.11
N VAL B 371 -4.78 27.02 1.75
CA VAL B 371 -5.86 26.09 1.62
C VAL B 371 -7.16 26.63 2.24
N GLY B 372 -7.02 27.38 3.32
CA GLY B 372 -8.17 27.96 4.00
C GLY B 372 -8.41 27.46 5.43
N PHE B 373 -7.43 26.80 6.03
CA PHE B 373 -7.63 26.24 7.37
C PHE B 373 -8.03 27.29 8.40
N GLU B 374 -7.43 28.48 8.28
CA GLU B 374 -7.66 29.53 9.27
C GLU B 374 -9.11 30.03 9.25
N ALA B 375 -9.82 29.72 8.18
CA ALA B 375 -11.21 30.14 8.01
C ALA B 375 -12.18 29.15 8.68
N LYS B 376 -11.63 28.09 9.28
CA LYS B 376 -12.43 27.11 10.03
C LYS B 376 -11.94 27.18 11.47
N SER B 377 -12.68 27.89 12.31
N SER B 377 -12.68 27.88 12.33
CA SER B 377 -12.21 28.18 13.66
CA SER B 377 -12.17 28.19 13.67
C SER B 377 -11.88 26.91 14.42
C SER B 377 -11.95 26.97 14.57
N GLU B 378 -12.82 25.98 14.47
CA GLU B 378 -12.68 24.77 15.29
C GLU B 378 -11.52 23.92 14.80
N LEU B 379 -11.50 23.63 13.51
CA LEU B 379 -10.43 22.83 12.93
C LEU B 379 -9.07 23.48 13.15
N PHE B 380 -8.96 24.78 12.90
CA PHE B 380 -7.67 25.43 13.06
C PHE B 380 -7.20 25.40 14.52
N ALA B 381 -8.11 25.61 15.46
CA ALA B 381 -7.77 25.56 16.87
C ALA B 381 -7.27 24.16 17.24
N THR B 382 -7.91 23.15 16.68
CA THR B 382 -7.54 21.78 16.98
C THR B 382 -6.15 21.47 16.43
N MET B 383 -5.91 21.85 15.19
CA MET B 383 -4.63 21.58 14.55
C MET B 383 -3.47 22.33 15.18
N SER B 384 -3.63 23.63 15.40
CA SER B 384 -2.56 24.42 15.98
C SER B 384 -2.29 23.99 17.42
N GLY B 385 -3.34 23.58 18.13
CA GLY B 385 -3.16 23.03 19.46
C GLY B 385 -2.32 21.75 19.46
N LEU B 386 -2.68 20.82 18.59
CA LEU B 386 -1.96 19.55 18.51
C LEU B 386 -0.51 19.72 18.08
N LEU B 387 -0.26 20.66 17.19
CA LEU B 387 1.08 20.83 16.60
C LEU B 387 1.94 21.84 17.35
N GLY B 388 1.37 22.49 18.37
CA GLY B 388 2.12 23.44 19.19
C GLY B 388 2.47 24.73 18.49
N THR B 389 1.59 25.20 17.60
CA THR B 389 1.87 26.37 16.78
C THR B 389 1.03 27.60 17.15
N ARG B 390 0.37 27.55 18.30
CA ARG B 390 -0.40 28.69 18.77
C ARG B 390 0.53 29.85 19.10
#